data_5RMC
#
_entry.id   5RMC
#
_cell.length_a   59.219
_cell.length_b   70.236
_cell.length_c   85.632
_cell.angle_alpha   102.520
_cell.angle_beta   96.430
_cell.angle_gamma   112.390
#
_symmetry.space_group_name_H-M   'P 1'
#
loop_
_entity.id
_entity.type
_entity.pdbx_description
1 polymer Helicase
2 non-polymer 'ZINC ION'
3 non-polymer 'PHOSPHATE ION'
4 non-polymer 'methyl 3-(methylsulfonylamino)benzoate'
5 water water
#
_entity_poly.entity_id   1
_entity_poly.type   'polypeptide(L)'
_entity_poly.pdbx_seq_one_letter_code
;AVGACVLCNSQTSLRCGACIRRPFLCCKCCYDHVISTSHKLVLSVNPYVCNAPGCDVTDVTQLYLGGMSYYCKSHKPPIS
FPLCANGQVFGLYKNTCVGSDNVTDFNAIATCDWTNAGDYILANTCTERLKLFAAETLKATEETFKLSYGIATVREVLSD
RELHLSWEVGKPRPPLNRNYVFTGYRVTKNSKVQIGEYTFEKGDYGDAVVYRGTTTYKLNVGDYFVLTSHTVMPLSAPTL
VPQEHYVRITGLYPTLNISDEFSSNVANYQKVGMQKYSTLQGPPGTGKSHFAIGLALYYPSARIVYTACSHAAVDALCEK
ALKYLPIDKCSRIIPARARVECFDKFKVNSTLEQYVFCTVNALPETTADIVVFDEISMATNYDLSVVNARLRAKHYVYIG
DPAQLPAPRTLLTKGTLEPEYFNSVCRLMKTIGPDMFLGTCRRCPAEIVDTVSALVYDNKLKAHKDKSAQCFKMFYKGVI
THDVSSAINRPQIGVVREFLTRNPAWRKAVFISPYNSQNAVASKILGLPTQTVDSSQGSEYDYVIFTQTTETAHSCNVNR
FNVAITRAKVGILCIMSDRDLYDKLQFTSLEIPRRNVATLQ
;
_entity_poly.pdbx_strand_id   A,B
#
# COMPACT_ATOMS: atom_id res chain seq x y z
N ALA A 1 -18.61 13.22 -13.64
CA ALA A 1 -19.60 14.34 -13.58
C ALA A 1 -21.02 13.82 -13.27
N VAL A 2 -21.28 12.51 -13.34
CA VAL A 2 -22.58 11.90 -12.94
C VAL A 2 -22.33 10.94 -11.77
N GLY A 3 -22.95 11.21 -10.63
CA GLY A 3 -22.86 10.42 -9.38
C GLY A 3 -24.18 10.40 -8.63
N ALA A 4 -24.16 9.91 -7.39
CA ALA A 4 -25.33 9.77 -6.51
C ALA A 4 -25.36 10.91 -5.49
N CYS A 5 -26.56 11.38 -5.15
CA CYS A 5 -26.86 12.44 -4.15
C CYS A 5 -26.49 11.94 -2.74
N VAL A 6 -25.65 12.66 -1.99
CA VAL A 6 -25.20 12.27 -0.62
C VAL A 6 -26.39 12.25 0.35
N LEU A 7 -27.54 12.85 0.03
CA LEU A 7 -28.69 12.91 0.97
C LEU A 7 -29.73 11.83 0.66
N CYS A 8 -30.05 11.57 -0.62
CA CYS A 8 -31.15 10.65 -1.04
C CYS A 8 -30.76 9.76 -2.23
N ASN A 9 -29.47 9.68 -2.58
CA ASN A 9 -28.88 8.70 -3.54
C ASN A 9 -29.29 9.04 -4.97
N SER A 10 -30.42 9.74 -5.18
CA SER A 10 -30.95 10.13 -6.52
C SER A 10 -29.79 10.58 -7.39
N GLN A 11 -29.66 10.01 -8.59
CA GLN A 11 -28.54 10.30 -9.53
C GLN A 11 -28.64 11.78 -9.94
N THR A 12 -27.51 12.44 -10.25
CA THR A 12 -27.51 13.86 -10.68
C THR A 12 -26.23 14.24 -11.43
N SER A 13 -26.34 15.35 -12.18
CA SER A 13 -25.23 16.09 -12.84
C SER A 13 -24.67 17.15 -11.88
N LEU A 14 -25.34 17.39 -10.74
CA LEU A 14 -25.05 18.54 -9.84
C LEU A 14 -24.15 18.11 -8.65
N ARG A 15 -22.99 18.76 -8.54
CA ARG A 15 -22.12 18.82 -7.34
C ARG A 15 -22.18 20.25 -6.77
N CYS A 16 -22.04 20.43 -5.45
CA CYS A 16 -21.90 21.78 -4.81
C CYS A 16 -20.45 22.23 -4.93
N GLY A 17 -20.21 23.35 -5.61
CA GLY A 17 -18.85 23.88 -5.85
C GLY A 17 -18.29 24.54 -4.61
N ALA A 18 -19.14 24.83 -3.61
CA ALA A 18 -18.79 25.66 -2.43
C ALA A 18 -18.43 24.75 -1.25
N CYS A 19 -19.08 23.58 -1.13
CA CYS A 19 -18.59 22.45 -0.30
C CYS A 19 -17.13 22.08 -0.65
N ILE A 20 -16.26 21.93 0.35
CA ILE A 20 -14.81 21.56 0.19
C ILE A 20 -14.68 20.15 -0.44
N ARG A 21 -15.68 19.26 -0.24
CA ARG A 21 -15.64 17.88 -0.79
C ARG A 21 -16.42 17.77 -2.12
N ARG A 22 -17.13 18.83 -2.54
CA ARG A 22 -17.91 18.90 -3.81
C ARG A 22 -18.84 17.70 -3.93
N PRO A 23 -19.70 17.45 -2.93
CA PRO A 23 -20.62 16.32 -2.98
C PRO A 23 -21.66 16.48 -4.10
N PHE A 24 -21.99 15.37 -4.76
CA PHE A 24 -23.16 15.21 -5.67
C PHE A 24 -24.44 15.48 -4.87
N LEU A 25 -25.24 16.44 -5.34
CA LEU A 25 -26.57 16.78 -4.77
C LEU A 25 -27.61 16.69 -5.89
N CYS A 26 -28.75 16.03 -5.64
CA CYS A 26 -29.86 15.95 -6.61
C CYS A 26 -30.56 17.30 -6.66
N CYS A 27 -31.20 17.60 -7.80
CA CYS A 27 -32.03 18.82 -8.04
C CYS A 27 -32.82 19.21 -6.78
N LYS A 28 -33.55 18.27 -6.15
CA LYS A 28 -34.48 18.57 -5.02
C LYS A 28 -33.71 18.95 -3.75
N CYS A 29 -32.53 18.35 -3.52
CA CYS A 29 -31.68 18.55 -2.31
C CYS A 29 -30.71 19.73 -2.54
N CYS A 30 -30.11 19.82 -3.74
CA CYS A 30 -29.18 20.92 -4.15
C CYS A 30 -29.84 22.28 -3.98
N TYR A 31 -31.14 22.38 -4.22
CA TYR A 31 -31.94 23.63 -4.02
C TYR A 31 -31.91 23.97 -2.53
N ASP A 32 -32.32 23.02 -1.69
CA ASP A 32 -32.50 23.20 -0.22
C ASP A 32 -31.17 23.64 0.42
N HIS A 33 -30.05 23.21 -0.18
CA HIS A 33 -28.67 23.62 0.21
C HIS A 33 -28.43 25.09 -0.19
N VAL A 34 -28.56 25.43 -1.47
CA VAL A 34 -28.15 26.76 -2.02
C VAL A 34 -29.09 27.84 -1.49
N ILE A 35 -30.35 27.50 -1.19
CA ILE A 35 -31.36 28.51 -0.76
C ILE A 35 -31.26 28.74 0.76
N SER A 36 -30.48 27.95 1.51
CA SER A 36 -30.37 28.05 3.00
C SER A 36 -28.93 28.33 3.46
N THR A 37 -27.92 28.30 2.57
CA THR A 37 -26.50 28.51 2.95
C THR A 37 -25.85 29.57 2.04
N SER A 38 -24.68 30.06 2.42
CA SER A 38 -23.81 30.94 1.59
C SER A 38 -23.31 30.18 0.35
N HIS A 39 -23.66 28.90 0.21
CA HIS A 39 -23.19 28.03 -0.90
C HIS A 39 -24.12 28.23 -2.09
N LYS A 40 -23.65 28.90 -3.15
CA LYS A 40 -24.48 29.24 -4.33
C LYS A 40 -23.88 28.67 -5.62
N LEU A 41 -22.57 28.38 -5.67
CA LEU A 41 -21.95 27.75 -6.87
C LEU A 41 -22.41 26.30 -6.95
N VAL A 42 -22.98 25.93 -8.10
CA VAL A 42 -23.42 24.56 -8.46
C VAL A 42 -22.60 24.12 -9.67
N LEU A 43 -21.98 22.94 -9.61
CA LEU A 43 -21.15 22.39 -10.72
C LEU A 43 -21.96 21.30 -11.45
N SER A 44 -21.82 21.28 -12.77
CA SER A 44 -22.24 20.18 -13.69
C SER A 44 -21.06 19.91 -14.63
N VAL A 45 -21.28 19.21 -15.75
CA VAL A 45 -20.24 18.98 -16.80
C VAL A 45 -19.48 20.31 -16.98
N ASN A 46 -20.27 21.38 -17.06
CA ASN A 46 -19.88 22.81 -17.11
C ASN A 46 -20.49 23.46 -15.87
N PRO A 47 -19.81 24.43 -15.21
CA PRO A 47 -20.38 25.05 -14.02
C PRO A 47 -21.57 25.96 -14.35
N TYR A 48 -22.46 26.16 -13.38
CA TYR A 48 -23.61 27.11 -13.44
C TYR A 48 -23.07 28.53 -13.21
N VAL A 49 -22.66 29.15 -14.31
CA VAL A 49 -22.11 30.52 -14.40
C VAL A 49 -22.74 31.15 -15.64
N CYS A 50 -22.89 32.47 -15.65
CA CYS A 50 -23.41 33.22 -16.81
C CYS A 50 -22.44 33.02 -17.97
N ASN A 51 -22.95 32.60 -19.13
CA ASN A 51 -22.13 32.32 -20.33
C ASN A 51 -21.81 33.61 -21.09
N ALA A 52 -22.46 34.72 -20.77
CA ALA A 52 -22.25 36.01 -21.46
C ALA A 52 -20.80 36.45 -21.25
N PRO A 53 -20.03 36.79 -22.30
CA PRO A 53 -18.64 37.19 -22.12
C PRO A 53 -18.46 38.19 -20.97
N GLY A 54 -17.48 37.95 -20.10
CA GLY A 54 -16.99 38.91 -19.09
C GLY A 54 -17.95 39.11 -17.94
N CYS A 55 -18.95 38.25 -17.78
CA CYS A 55 -19.97 38.32 -16.69
C CYS A 55 -19.54 37.39 -15.55
N ASP A 56 -19.54 37.90 -14.32
CA ASP A 56 -18.97 37.22 -13.12
C ASP A 56 -20.08 36.64 -12.23
N VAL A 57 -21.32 36.52 -12.72
CA VAL A 57 -22.46 35.94 -11.94
C VAL A 57 -22.29 34.42 -11.89
N THR A 58 -22.06 33.88 -10.68
CA THR A 58 -21.85 32.44 -10.39
C THR A 58 -22.95 31.92 -9.45
N ASP A 59 -23.78 32.81 -8.87
CA ASP A 59 -24.86 32.45 -7.91
C ASP A 59 -26.01 31.80 -8.69
N VAL A 60 -26.31 30.55 -8.38
CA VAL A 60 -27.30 29.68 -9.09
C VAL A 60 -28.71 30.25 -8.95
N THR A 61 -28.96 31.08 -7.93
CA THR A 61 -30.29 31.66 -7.61
C THR A 61 -30.54 32.88 -8.52
N GLN A 62 -29.47 33.45 -9.07
CA GLN A 62 -29.50 34.63 -9.97
C GLN A 62 -29.32 34.20 -11.45
N LEU A 63 -29.40 32.90 -11.77
CA LEU A 63 -29.09 32.35 -13.13
C LEU A 63 -30.30 31.64 -13.73
N TYR A 64 -30.29 31.48 -15.06
CA TYR A 64 -31.38 30.94 -15.90
C TYR A 64 -30.79 30.08 -17.02
N LEU A 65 -31.65 29.36 -17.74
CA LEU A 65 -31.30 28.51 -18.90
C LEU A 65 -31.84 29.15 -20.20
N GLY A 66 -30.94 29.58 -21.10
CA GLY A 66 -31.25 30.08 -22.44
C GLY A 66 -30.89 29.06 -23.52
N GLY A 67 -31.88 28.26 -23.91
CA GLY A 67 -31.65 27.04 -24.72
C GLY A 67 -30.99 25.96 -23.88
N MET A 68 -29.73 25.65 -24.17
CA MET A 68 -28.91 24.63 -23.45
C MET A 68 -27.86 25.32 -22.57
N SER A 69 -27.86 26.66 -22.54
CA SER A 69 -26.81 27.50 -21.90
C SER A 69 -27.37 28.24 -20.68
N TYR A 70 -26.50 28.87 -19.89
CA TYR A 70 -26.85 29.50 -18.60
C TYR A 70 -26.46 30.98 -18.66
N TYR A 71 -27.37 31.86 -18.20
CA TYR A 71 -27.19 33.34 -18.17
C TYR A 71 -27.79 33.89 -16.88
N CYS A 72 -27.34 35.08 -16.46
CA CYS A 72 -27.90 35.85 -15.33
C CYS A 72 -29.15 36.65 -15.75
N LYS A 73 -29.74 37.42 -14.83
CA LYS A 73 -30.93 38.27 -15.06
C LYS A 73 -30.62 39.33 -16.14
N SER A 74 -29.39 39.86 -16.19
CA SER A 74 -28.94 40.95 -17.10
C SER A 74 -28.67 40.44 -18.53
N HIS A 75 -28.57 39.11 -18.74
CA HIS A 75 -28.05 38.51 -20.00
C HIS A 75 -29.00 37.43 -20.54
N LYS A 76 -29.95 36.94 -19.73
CA LYS A 76 -30.87 35.86 -20.15
C LYS A 76 -31.67 36.29 -21.37
N PRO A 77 -31.98 35.36 -22.30
CA PRO A 77 -32.85 35.67 -23.44
C PRO A 77 -34.31 35.70 -22.98
N PRO A 78 -35.25 36.30 -23.75
CA PRO A 78 -36.65 36.33 -23.32
C PRO A 78 -37.13 34.94 -22.90
N ILE A 79 -36.92 33.92 -23.75
CA ILE A 79 -37.36 32.52 -23.45
C ILE A 79 -36.24 31.85 -22.65
N SER A 80 -36.28 32.06 -21.33
CA SER A 80 -35.33 31.53 -20.31
C SER A 80 -36.09 31.08 -19.05
N PHE A 81 -35.63 29.96 -18.50
CA PHE A 81 -36.19 29.24 -17.33
C PHE A 81 -35.21 29.42 -16.16
N PRO A 82 -35.63 29.93 -14.97
CA PRO A 82 -34.71 30.04 -13.83
C PRO A 82 -34.21 28.67 -13.35
N LEU A 83 -32.93 28.58 -12.98
CA LEU A 83 -32.30 27.32 -12.50
C LEU A 83 -32.92 26.93 -11.15
N CYS A 84 -33.37 27.93 -10.37
CA CYS A 84 -34.05 27.74 -9.06
C CYS A 84 -35.56 27.99 -9.21
N ALA A 85 -36.35 26.92 -9.19
CA ALA A 85 -37.83 26.99 -9.15
C ALA A 85 -38.40 25.73 -8.47
N ASN A 86 -39.60 25.84 -7.90
CA ASN A 86 -40.37 24.69 -7.34
C ASN A 86 -39.41 23.73 -6.64
N GLY A 87 -38.65 24.24 -5.66
CA GLY A 87 -37.82 23.45 -4.75
C GLY A 87 -36.78 22.60 -5.47
N GLN A 88 -36.34 23.00 -6.67
CA GLN A 88 -35.36 22.24 -7.48
C GLN A 88 -34.35 23.17 -8.14
N VAL A 89 -33.15 22.65 -8.44
CA VAL A 89 -32.11 23.25 -9.32
C VAL A 89 -32.10 22.43 -10.60
N PHE A 90 -32.17 23.07 -11.76
CA PHE A 90 -32.22 22.36 -13.07
C PHE A 90 -30.93 21.55 -13.25
N GLY A 91 -31.09 20.24 -13.43
CA GLY A 91 -30.02 19.28 -13.78
C GLY A 91 -30.65 18.03 -14.37
N LEU A 92 -29.82 17.06 -14.76
CA LEU A 92 -30.31 15.75 -15.29
C LEU A 92 -31.09 15.02 -14.20
N TYR A 93 -32.04 14.18 -14.61
CA TYR A 93 -32.75 13.15 -13.80
C TYR A 93 -33.76 13.79 -12.81
N LYS A 94 -34.20 15.03 -13.06
CA LYS A 94 -35.17 15.81 -12.22
C LYS A 94 -36.52 15.08 -12.11
N VAL A 103 -31.89 17.76 5.26
CA VAL A 103 -30.80 18.55 4.60
C VAL A 103 -30.44 19.77 5.47
N THR A 104 -31.26 20.15 6.45
CA THR A 104 -30.91 21.06 7.58
C THR A 104 -29.55 20.62 8.15
N ASP A 105 -29.40 19.32 8.44
CA ASP A 105 -28.17 18.72 9.05
C ASP A 105 -27.02 18.75 8.03
N PHE A 106 -27.30 18.45 6.76
CA PHE A 106 -26.29 18.53 5.67
C PHE A 106 -25.70 19.94 5.60
N ASN A 107 -26.56 20.97 5.75
CA ASN A 107 -26.17 22.40 5.61
C ASN A 107 -25.18 22.76 6.71
N ALA A 108 -25.50 22.37 7.95
CA ALA A 108 -24.69 22.61 9.17
C ALA A 108 -23.31 21.95 9.00
N ILE A 109 -23.27 20.68 8.56
CA ILE A 109 -21.99 19.93 8.31
C ILE A 109 -21.18 20.66 7.24
N ALA A 110 -21.81 21.02 6.13
CA ALA A 110 -21.16 21.64 4.93
C ALA A 110 -20.52 23.00 5.27
N THR A 111 -21.13 23.79 6.14
CA THR A 111 -20.74 25.21 6.40
C THR A 111 -19.97 25.38 7.73
N CYS A 112 -20.05 24.43 8.68
CA CYS A 112 -19.41 24.55 10.04
C CYS A 112 -17.88 24.53 9.91
N ASP A 113 -17.17 25.16 10.85
CA ASP A 113 -15.68 25.26 10.84
C ASP A 113 -15.08 24.14 11.69
N TRP A 114 -15.90 23.38 12.45
CA TRP A 114 -15.49 22.20 13.26
C TRP A 114 -14.74 22.61 14.54
N THR A 115 -14.95 23.84 15.03
CA THR A 115 -14.31 24.38 16.26
C THR A 115 -15.25 24.17 17.44
N ASN A 116 -16.52 23.83 17.18
CA ASN A 116 -17.61 23.71 18.18
C ASN A 116 -17.89 22.22 18.42
N ALA A 117 -18.13 21.85 19.66
CA ALA A 117 -18.54 20.48 20.03
C ALA A 117 -19.76 20.09 19.19
N GLY A 118 -20.77 20.96 19.15
CA GLY A 118 -22.07 20.71 18.47
C GLY A 118 -21.89 20.22 17.04
N ASP A 119 -20.80 20.63 16.38
CA ASP A 119 -20.40 20.14 15.04
C ASP A 119 -20.18 18.63 15.11
N TYR A 120 -19.47 18.15 16.14
CA TYR A 120 -19.08 16.74 16.27
C TYR A 120 -20.30 15.94 16.69
N ILE A 121 -21.16 16.55 17.52
CA ILE A 121 -22.41 15.91 17.98
C ILE A 121 -23.24 15.58 16.73
N LEU A 122 -23.41 16.56 15.84
CA LEU A 122 -24.22 16.41 14.60
C LEU A 122 -23.58 15.37 13.66
N ALA A 123 -22.25 15.38 13.48
CA ALA A 123 -21.52 14.41 12.60
C ALA A 123 -21.71 12.97 13.10
N ASN A 124 -22.40 12.78 14.23
CA ASN A 124 -22.50 11.46 14.91
C ASN A 124 -23.96 11.13 15.24
N THR A 125 -24.89 12.06 15.05
CA THR A 125 -26.35 11.82 15.21
C THR A 125 -27.04 11.89 13.85
N CYS A 126 -26.32 12.26 12.78
CA CYS A 126 -26.89 12.39 11.41
C CYS A 126 -27.06 10.99 10.81
N THR A 127 -27.70 10.89 9.63
CA THR A 127 -27.79 9.65 8.80
C THR A 127 -26.38 9.14 8.50
N GLU A 128 -26.27 7.89 8.07
CA GLU A 128 -24.99 7.16 7.83
C GLU A 128 -24.22 7.80 6.66
N ARG A 129 -24.90 8.22 5.58
CA ARG A 129 -24.18 8.86 4.44
C ARG A 129 -23.70 10.26 4.86
N LEU A 130 -24.37 10.91 5.81
CA LEU A 130 -23.95 12.25 6.31
C LEU A 130 -22.82 12.11 7.33
N LYS A 131 -22.69 10.95 7.98
CA LYS A 131 -21.54 10.64 8.88
C LYS A 131 -20.26 10.54 8.02
N LEU A 132 -20.36 10.02 6.78
CA LEU A 132 -19.20 9.91 5.87
C LEU A 132 -18.86 11.28 5.28
N PHE A 133 -19.88 12.08 4.96
CA PHE A 133 -19.70 13.45 4.39
C PHE A 133 -18.99 14.28 5.45
N ALA A 134 -19.56 14.29 6.66
CA ALA A 134 -19.02 14.92 7.89
C ALA A 134 -17.56 14.53 8.11
N ALA A 135 -17.24 13.22 8.11
CA ALA A 135 -15.88 12.68 8.40
C ALA A 135 -14.87 13.10 7.32
N GLU A 136 -15.28 13.12 6.03
CA GLU A 136 -14.43 13.60 4.90
C GLU A 136 -14.17 15.10 5.05
N THR A 137 -15.24 15.85 5.32
CA THR A 137 -15.26 17.33 5.42
C THR A 137 -14.30 17.74 6.55
N LEU A 138 -14.53 17.15 7.74
CA LEU A 138 -13.73 17.37 8.98
C LEU A 138 -12.26 17.12 8.65
N LYS A 139 -11.92 15.94 8.14
CA LYS A 139 -10.51 15.54 7.95
C LYS A 139 -9.86 16.49 6.94
N ALA A 140 -10.61 16.89 5.91
CA ALA A 140 -10.13 17.86 4.89
C ALA A 140 -9.83 19.19 5.59
N THR A 141 -10.79 19.68 6.39
CA THR A 141 -10.64 20.93 7.18
C THR A 141 -9.43 20.82 8.13
N GLU A 142 -9.26 19.66 8.78
CA GLU A 142 -8.11 19.40 9.70
C GLU A 142 -6.78 19.52 8.95
N GLU A 143 -6.71 19.06 7.70
CA GLU A 143 -5.46 18.97 6.89
C GLU A 143 -5.10 20.36 6.33
N THR A 144 -6.09 21.15 5.87
CA THR A 144 -5.87 22.52 5.32
C THR A 144 -5.59 23.50 6.46
N PHE A 145 -5.88 23.12 7.71
CA PHE A 145 -5.52 23.92 8.91
C PHE A 145 -4.03 23.74 9.22
N LYS A 146 -3.42 22.61 8.84
CA LYS A 146 -1.97 22.33 9.06
C LYS A 146 -1.13 23.36 8.27
N LEU A 147 -1.64 23.85 7.13
CA LEU A 147 -0.94 24.82 6.25
C LEU A 147 -0.84 26.19 6.96
N SER A 148 -1.74 26.47 7.90
CA SER A 148 -1.85 27.75 8.66
C SER A 148 -0.59 28.01 9.49
N TYR A 149 0.05 26.96 10.00
CA TYR A 149 1.22 27.03 10.92
C TYR A 149 2.48 27.45 10.14
N GLY A 150 3.44 28.03 10.87
CA GLY A 150 4.72 28.54 10.33
C GLY A 150 5.77 27.45 10.24
N ILE A 151 6.69 27.59 9.28
CA ILE A 151 7.85 26.67 9.05
C ILE A 151 8.85 26.90 10.19
N ALA A 152 9.62 25.87 10.57
CA ALA A 152 10.69 25.92 11.59
C ALA A 152 12.02 25.56 10.93
N THR A 153 12.95 26.52 10.86
CA THR A 153 14.30 26.36 10.24
C THR A 153 15.33 26.25 11.38
N VAL A 154 16.21 25.24 11.30
CA VAL A 154 17.24 24.91 12.33
C VAL A 154 18.34 25.99 12.32
N ARG A 155 18.40 26.81 13.37
CA ARG A 155 19.43 27.87 13.57
C ARG A 155 20.76 27.22 13.98
N GLU A 156 20.77 26.44 15.08
CA GLU A 156 22.01 25.79 15.60
C GLU A 156 21.71 24.39 16.18
N VAL A 157 22.60 23.43 15.91
CA VAL A 157 22.57 22.01 16.41
C VAL A 157 23.50 21.90 17.62
N LEU A 158 22.95 21.64 18.80
CA LEU A 158 23.74 21.50 20.06
C LEU A 158 24.36 20.11 20.10
N SER A 159 23.53 19.07 20.03
CA SER A 159 23.93 17.65 20.20
C SER A 159 23.08 16.77 19.27
N ASP A 160 23.03 15.46 19.57
CA ASP A 160 22.30 14.42 18.79
C ASP A 160 20.82 14.34 19.25
N ARG A 161 20.44 15.08 20.30
CA ARG A 161 19.04 15.08 20.83
C ARG A 161 18.60 16.48 21.29
N GLU A 162 19.30 17.56 20.91
CA GLU A 162 18.91 18.96 21.25
C GLU A 162 19.31 19.92 20.10
N LEU A 163 18.44 20.86 19.73
CA LEU A 163 18.77 21.97 18.79
C LEU A 163 17.92 23.22 19.09
N HIS A 164 18.26 24.34 18.45
CA HIS A 164 17.59 25.66 18.54
C HIS A 164 16.87 25.96 17.21
N LEU A 165 15.58 26.32 17.25
CA LEU A 165 14.74 26.52 16.04
C LEU A 165 14.41 28.01 15.84
N SER A 166 14.25 28.40 14.58
CA SER A 166 13.82 29.74 14.09
C SER A 166 12.45 29.61 13.39
N TRP A 167 11.43 30.32 13.89
CA TRP A 167 10.00 30.15 13.48
C TRP A 167 9.57 31.28 12.52
N GLU A 168 8.82 30.90 11.48
CA GLU A 168 8.26 31.81 10.45
C GLU A 168 7.39 32.87 11.11
N VAL A 169 7.63 34.14 10.80
CA VAL A 169 6.88 35.32 11.32
C VAL A 169 5.61 35.48 10.47
N GLY A 170 4.49 35.85 11.11
CA GLY A 170 3.19 36.10 10.45
C GLY A 170 2.29 34.86 10.45
N LYS A 171 2.83 33.69 10.81
CA LYS A 171 2.08 32.40 10.92
C LYS A 171 2.26 31.83 12.32
N PRO A 172 1.19 31.33 12.97
CA PRO A 172 1.28 30.80 14.34
C PRO A 172 2.25 29.61 14.44
N ARG A 173 2.71 29.30 15.65
CA ARG A 173 3.63 28.17 15.93
C ARG A 173 2.80 27.02 16.48
N PRO A 174 2.87 25.81 15.88
CA PRO A 174 2.09 24.67 16.35
C PRO A 174 2.53 24.22 17.74
N PRO A 175 1.62 23.61 18.53
CA PRO A 175 2.00 23.08 19.85
C PRO A 175 3.19 22.11 19.67
N LEU A 176 4.22 22.26 20.50
CA LEU A 176 5.50 21.49 20.39
C LEU A 176 5.44 20.22 21.25
N ASN A 177 4.35 19.45 21.17
CA ASN A 177 4.19 18.16 21.89
C ASN A 177 4.46 17.01 20.91
N ARG A 178 4.28 15.77 21.35
CA ARG A 178 4.46 14.54 20.54
C ARG A 178 3.33 14.39 19.51
N ASN A 179 2.17 15.04 19.73
CA ASN A 179 0.96 14.95 18.85
C ASN A 179 1.26 15.55 17.47
N TYR A 180 2.22 16.48 17.37
CA TYR A 180 2.54 17.25 16.14
C TYR A 180 3.84 16.71 15.53
N VAL A 181 3.70 15.87 14.49
CA VAL A 181 4.84 15.23 13.78
C VAL A 181 5.10 16.01 12.49
N PHE A 182 6.28 16.64 12.43
CA PHE A 182 6.79 17.39 11.25
C PHE A 182 7.40 16.42 10.26
N THR A 183 7.51 16.85 9.01
CA THR A 183 8.33 16.18 7.96
C THR A 183 9.56 17.08 7.73
N GLY A 184 10.74 16.52 7.95
CA GLY A 184 12.04 17.20 7.78
C GLY A 184 12.46 17.22 6.31
N TYR A 185 13.19 18.26 5.90
CA TYR A 185 13.62 18.48 4.50
C TYR A 185 15.05 19.07 4.47
N GLN A 194 13.40 14.84 2.01
CA GLN A 194 12.43 14.12 2.89
C GLN A 194 13.23 13.35 3.96
N ILE A 195 13.88 14.07 4.88
CA ILE A 195 14.89 13.51 5.84
C ILE A 195 14.17 12.80 7.00
N GLY A 196 12.98 12.23 6.76
CA GLY A 196 12.23 11.44 7.75
C GLY A 196 11.44 12.34 8.70
N GLU A 197 10.44 11.76 9.37
CA GLU A 197 9.52 12.50 10.29
C GLU A 197 10.31 12.86 11.57
N TYR A 198 9.91 13.94 12.26
CA TYR A 198 10.61 14.50 13.44
C TYR A 198 9.58 15.09 14.43
N THR A 199 9.91 15.08 15.74
CA THR A 199 9.12 15.72 16.84
C THR A 199 10.07 16.49 17.77
N PHE A 200 9.50 17.33 18.67
CA PHE A 200 10.23 18.26 19.57
C PHE A 200 9.55 18.35 20.95
N GLU A 201 10.36 18.60 21.99
CA GLU A 201 9.94 18.87 23.40
C GLU A 201 10.84 19.96 24.00
N LYS A 202 10.30 20.82 24.88
CA LYS A 202 11.02 21.97 25.49
C LYS A 202 12.22 21.46 26.30
N ASP A 207 16.92 28.68 25.24
CA ASP A 207 16.00 28.16 24.19
C ASP A 207 16.45 26.75 23.77
N ALA A 208 16.46 25.80 24.71
CA ALA A 208 16.89 24.40 24.49
C ALA A 208 15.67 23.52 24.18
N VAL A 209 15.56 23.07 22.92
CA VAL A 209 14.46 22.17 22.44
C VAL A 209 15.07 20.81 22.04
N VAL A 210 14.36 19.73 22.40
CA VAL A 210 14.79 18.30 22.27
C VAL A 210 14.18 17.73 20.98
N TYR A 211 15.01 17.32 20.00
CA TYR A 211 14.57 16.86 18.66
C TYR A 211 14.65 15.33 18.57
N ARG A 212 13.57 14.70 18.12
CA ARG A 212 13.41 13.23 18.04
C ARG A 212 13.14 12.83 16.58
N GLY A 213 14.19 12.50 15.83
CA GLY A 213 14.13 12.10 14.42
C GLY A 213 13.87 10.62 14.25
N THR A 214 12.89 10.25 13.41
CA THR A 214 12.50 8.85 13.13
C THR A 214 13.71 8.13 12.50
N THR A 215 14.37 8.76 11.53
CA THR A 215 15.65 8.30 10.93
C THR A 215 16.79 9.12 11.57
N THR A 216 17.82 8.46 12.09
CA THR A 216 18.98 9.12 12.75
C THR A 216 19.81 9.85 11.69
N TYR A 217 19.47 11.11 11.41
CA TYR A 217 20.13 11.98 10.41
C TYR A 217 20.85 13.13 11.13
N LYS A 218 22.13 13.33 10.81
CA LYS A 218 23.00 14.39 11.38
C LYS A 218 22.34 15.75 11.12
N LEU A 219 21.45 16.18 12.03
CA LEU A 219 20.61 17.41 11.90
C LEU A 219 21.43 18.55 11.29
N ASN A 220 21.09 18.97 10.06
CA ASN A 220 21.79 20.04 9.30
C ASN A 220 21.20 21.40 9.69
N VAL A 221 22.06 22.40 9.93
CA VAL A 221 21.66 23.83 10.12
C VAL A 221 21.16 24.35 8.77
N GLY A 222 19.98 24.99 8.76
CA GLY A 222 19.33 25.49 7.54
C GLY A 222 18.20 24.57 7.09
N ASP A 223 18.31 23.26 7.32
CA ASP A 223 17.24 22.27 7.04
C ASP A 223 15.96 22.77 7.74
N TYR A 224 14.82 22.75 7.03
CA TYR A 224 13.50 23.24 7.50
C TYR A 224 12.54 22.05 7.68
N PHE A 225 11.50 22.24 8.52
CA PHE A 225 10.42 21.26 8.80
C PHE A 225 9.07 21.85 8.39
N VAL A 226 8.16 20.99 7.90
CA VAL A 226 6.75 21.33 7.55
C VAL A 226 5.85 20.17 8.01
N LEU A 227 4.65 20.48 8.52
CA LEU A 227 3.70 19.49 9.09
C LEU A 227 3.11 18.62 7.97
N THR A 228 3.01 17.31 8.22
CA THR A 228 2.65 16.26 7.24
C THR A 228 1.17 16.43 6.82
N SER A 229 0.91 17.34 5.89
CA SER A 229 -0.43 17.56 5.27
C SER A 229 -0.70 16.44 4.25
N HIS A 230 -1.52 15.44 4.62
CA HIS A 230 -1.86 14.27 3.77
C HIS A 230 -3.22 14.49 3.09
N THR A 231 -3.39 13.98 1.87
CA THR A 231 -4.62 14.10 1.04
C THR A 231 -5.71 13.20 1.63
N VAL A 232 -6.90 13.77 1.85
CA VAL A 232 -8.08 13.06 2.41
C VAL A 232 -8.83 12.37 1.27
N MET A 233 -8.75 11.05 1.21
CA MET A 233 -9.46 10.21 0.21
C MET A 233 -10.95 10.21 0.57
N PRO A 234 -11.84 10.07 -0.43
CA PRO A 234 -13.26 9.95 -0.18
C PRO A 234 -13.59 8.64 0.56
N LEU A 235 -14.72 8.62 1.26
CA LEU A 235 -15.24 7.46 2.03
C LEU A 235 -16.38 6.85 1.22
N SER A 236 -16.45 5.53 1.17
CA SER A 236 -17.45 4.72 0.42
C SER A 236 -18.25 3.84 1.38
N ALA A 237 -17.56 3.12 2.27
CA ALA A 237 -18.15 2.16 3.22
C ALA A 237 -18.79 2.92 4.38
N PRO A 238 -19.85 2.37 5.01
CA PRO A 238 -20.41 2.99 6.21
C PRO A 238 -19.43 2.87 7.39
N THR A 239 -19.69 3.62 8.47
CA THR A 239 -18.91 3.53 9.73
C THR A 239 -19.11 2.13 10.32
N LEU A 240 -20.39 1.75 10.43
CA LEU A 240 -20.92 0.41 10.84
C LEU A 240 -21.68 -0.19 9.66
N VAL A 241 -21.35 -1.42 9.24
CA VAL A 241 -22.18 -2.20 8.28
C VAL A 241 -23.53 -2.45 8.95
N PRO A 242 -24.63 -2.70 8.20
CA PRO A 242 -25.94 -2.88 8.82
C PRO A 242 -25.81 -4.06 9.78
N GLN A 243 -26.51 -4.04 10.91
CA GLN A 243 -26.50 -5.17 11.89
C GLN A 243 -27.26 -6.36 11.30
N GLU A 244 -26.70 -7.56 11.39
CA GLU A 244 -27.37 -8.85 11.10
C GLU A 244 -27.30 -9.74 12.34
N HIS A 245 -28.45 -10.23 12.83
CA HIS A 245 -28.54 -11.26 13.90
C HIS A 245 -28.78 -12.62 13.25
N TYR A 246 -28.13 -13.66 13.76
CA TYR A 246 -28.21 -15.04 13.23
C TYR A 246 -28.76 -15.96 14.33
N VAL A 247 -29.35 -17.08 13.90
CA VAL A 247 -30.01 -18.10 14.75
C VAL A 247 -28.92 -18.97 15.38
N ARG A 248 -27.81 -19.15 14.66
CA ARG A 248 -26.67 -20.00 15.02
C ARG A 248 -25.36 -19.31 14.60
N ILE A 249 -24.24 -19.71 15.21
CA ILE A 249 -22.88 -19.21 14.87
C ILE A 249 -22.67 -19.39 13.37
N THR A 250 -22.40 -18.30 12.67
CA THR A 250 -22.38 -18.24 11.19
C THR A 250 -20.92 -18.14 10.73
N GLY A 251 -20.48 -19.02 9.83
CA GLY A 251 -19.17 -18.98 9.15
C GLY A 251 -17.98 -19.18 10.07
N LEU A 252 -18.20 -19.53 11.33
CA LEU A 252 -17.12 -19.78 12.34
C LEU A 252 -17.34 -21.17 12.93
N TYR A 253 -16.26 -21.87 13.28
CA TYR A 253 -16.30 -23.26 13.81
C TYR A 253 -15.64 -23.30 15.20
N PRO A 254 -16.47 -23.38 16.28
CA PRO A 254 -15.96 -23.33 17.64
C PRO A 254 -15.20 -24.62 18.03
N THR A 255 -14.55 -24.62 19.20
CA THR A 255 -14.05 -25.84 19.88
C THR A 255 -14.96 -26.17 21.06
N LEU A 256 -14.85 -27.42 21.53
CA LEU A 256 -15.33 -27.92 22.84
C LEU A 256 -14.13 -27.91 23.80
N ASN A 257 -12.98 -28.32 23.26
CA ASN A 257 -11.62 -28.19 23.86
C ASN A 257 -11.21 -26.72 23.84
N ILE A 258 -11.63 -25.92 24.83
CA ILE A 258 -11.26 -24.48 25.00
C ILE A 258 -10.72 -24.29 26.41
N SER A 259 -9.43 -23.92 26.52
CA SER A 259 -8.68 -23.85 27.81
C SER A 259 -9.46 -23.00 28.82
N ASP A 260 -9.46 -23.42 30.10
CA ASP A 260 -10.27 -22.81 31.19
C ASP A 260 -9.95 -21.32 31.31
N GLU A 261 -8.71 -20.94 30.97
CA GLU A 261 -8.21 -19.53 30.92
C GLU A 261 -9.26 -18.63 30.27
N PHE A 262 -9.92 -19.10 29.20
CA PHE A 262 -10.84 -18.34 28.30
C PHE A 262 -12.29 -18.78 28.47
N SER A 263 -12.58 -19.67 29.43
CA SER A 263 -13.94 -20.21 29.70
C SER A 263 -14.93 -19.09 30.07
N SER A 264 -14.45 -18.02 30.71
CA SER A 264 -15.29 -16.87 31.13
C SER A 264 -15.96 -16.24 29.89
N ASN A 265 -15.26 -16.20 28.76
CA ASN A 265 -15.65 -15.45 27.52
C ASN A 265 -16.30 -16.36 26.47
N VAL A 266 -16.74 -17.57 26.81
CA VAL A 266 -17.29 -18.52 25.80
C VAL A 266 -18.66 -18.01 25.36
N ALA A 267 -19.54 -17.61 26.29
CA ALA A 267 -20.90 -17.11 26.00
C ALA A 267 -20.81 -15.85 25.13
N ASN A 268 -19.86 -14.96 25.42
CA ASN A 268 -19.59 -13.73 24.60
C ASN A 268 -19.04 -14.13 23.22
N TYR A 269 -18.20 -15.16 23.14
CA TYR A 269 -17.55 -15.60 21.87
C TYR A 269 -18.61 -16.19 20.92
N GLN A 270 -19.65 -16.78 21.51
CA GLN A 270 -20.82 -17.33 20.77
C GLN A 270 -21.69 -16.17 20.29
N LYS A 271 -21.92 -15.16 21.14
CA LYS A 271 -22.63 -13.90 20.77
C LYS A 271 -21.93 -13.28 19.55
N VAL A 272 -20.58 -13.25 19.53
CA VAL A 272 -19.76 -12.68 18.41
C VAL A 272 -20.10 -13.40 17.10
N GLY A 273 -20.28 -14.73 17.14
CA GLY A 273 -20.56 -15.58 15.95
C GLY A 273 -22.01 -15.48 15.49
N MET A 274 -22.92 -15.04 16.35
CA MET A 274 -24.40 -14.96 16.10
C MET A 274 -24.86 -13.52 15.83
N GLN A 275 -23.95 -12.64 15.39
CA GLN A 275 -24.26 -11.25 14.93
C GLN A 275 -23.19 -10.83 13.90
N LYS A 276 -23.51 -9.85 13.05
CA LYS A 276 -22.53 -9.29 12.07
C LYS A 276 -21.40 -8.60 12.84
N TYR A 277 -21.74 -7.64 13.69
CA TYR A 277 -20.77 -6.90 14.53
C TYR A 277 -21.25 -6.92 15.98
N SER A 278 -20.29 -6.86 16.89
CA SER A 278 -20.54 -6.82 18.36
C SER A 278 -19.64 -5.74 18.99
N THR A 279 -20.14 -5.13 20.07
CA THR A 279 -19.43 -4.10 20.88
C THR A 279 -19.09 -4.66 22.25
N LEU A 280 -17.81 -4.57 22.63
CA LEU A 280 -17.31 -4.95 23.98
C LEU A 280 -16.76 -3.71 24.71
N GLN A 281 -17.46 -3.29 25.79
CA GLN A 281 -16.93 -2.28 26.73
C GLN A 281 -16.14 -3.00 27.82
N GLY A 282 -14.81 -2.88 27.76
CA GLY A 282 -13.88 -3.40 28.79
C GLY A 282 -13.17 -2.26 29.53
N PRO A 283 -13.67 -1.86 30.72
CA PRO A 283 -12.96 -0.91 31.59
C PRO A 283 -11.50 -1.31 31.75
N PRO A 284 -10.64 -0.46 32.35
CA PRO A 284 -9.22 -0.79 32.43
C PRO A 284 -9.00 -2.12 33.13
N GLY A 285 -8.18 -2.99 32.53
CA GLY A 285 -7.62 -4.21 33.14
C GLY A 285 -8.67 -5.28 33.33
N THR A 286 -9.73 -5.27 32.51
CA THR A 286 -10.88 -6.22 32.62
C THR A 286 -10.73 -7.37 31.63
N GLY A 287 -9.66 -7.40 30.83
CA GLY A 287 -9.30 -8.55 29.97
C GLY A 287 -9.69 -8.35 28.51
N LYS A 288 -9.50 -7.15 27.95
CA LYS A 288 -9.79 -6.85 26.53
C LYS A 288 -8.82 -7.65 25.64
N SER A 289 -7.51 -7.50 25.81
CA SER A 289 -6.49 -8.23 25.01
C SER A 289 -6.77 -9.73 25.12
N HIS A 290 -7.00 -10.20 26.35
CA HIS A 290 -7.28 -11.62 26.69
C HIS A 290 -8.49 -12.11 25.89
N PHE A 291 -9.54 -11.29 25.82
CA PHE A 291 -10.79 -11.59 25.06
C PHE A 291 -10.48 -11.64 23.55
N ALA A 292 -9.83 -10.59 23.04
CA ALA A 292 -9.46 -10.45 21.61
C ALA A 292 -8.70 -11.71 21.15
N ILE A 293 -7.68 -12.14 21.90
CA ILE A 293 -6.80 -13.27 21.51
C ILE A 293 -7.53 -14.58 21.80
N GLY A 294 -8.30 -14.64 22.89
CA GLY A 294 -9.09 -15.83 23.27
C GLY A 294 -10.15 -16.18 22.23
N LEU A 295 -10.46 -15.24 21.35
CA LEU A 295 -11.45 -15.40 20.25
C LEU A 295 -10.85 -16.32 19.19
N ALA A 296 -9.54 -16.18 18.92
CA ALA A 296 -8.76 -16.97 17.95
C ALA A 296 -8.73 -18.45 18.38
N LEU A 297 -8.56 -18.69 19.69
CA LEU A 297 -8.48 -20.06 20.28
C LEU A 297 -9.88 -20.70 20.26
N TYR A 298 -10.95 -19.91 20.36
CA TYR A 298 -12.34 -20.42 20.33
C TYR A 298 -12.78 -20.74 18.89
N TYR A 299 -12.38 -19.92 17.91
CA TYR A 299 -12.59 -20.18 16.47
C TYR A 299 -11.21 -20.42 15.85
N PRO A 300 -10.58 -21.58 16.14
CA PRO A 300 -9.18 -21.82 15.76
C PRO A 300 -8.85 -21.85 14.26
N SER A 301 -9.85 -22.07 13.40
CA SER A 301 -9.72 -22.11 11.91
C SER A 301 -9.92 -20.70 11.33
N ALA A 302 -10.56 -19.80 12.08
CA ALA A 302 -10.98 -18.46 11.64
C ALA A 302 -9.76 -17.58 11.37
N ARG A 303 -9.74 -16.90 10.22
CA ARG A 303 -8.73 -15.87 9.86
C ARG A 303 -9.16 -14.58 10.53
N ILE A 304 -8.29 -14.01 11.38
CA ILE A 304 -8.62 -12.79 12.17
C ILE A 304 -7.60 -11.71 11.82
N VAL A 305 -8.12 -10.53 11.45
CA VAL A 305 -7.31 -9.29 11.32
C VAL A 305 -7.53 -8.44 12.58
N TYR A 306 -6.43 -8.17 13.28
CA TYR A 306 -6.36 -7.34 14.51
C TYR A 306 -5.88 -5.94 14.12
N THR A 307 -6.75 -4.94 14.27
CA THR A 307 -6.49 -3.54 13.86
C THR A 307 -6.83 -2.59 15.01
N ALA A 308 -6.04 -1.52 15.13
CA ALA A 308 -6.26 -0.33 15.98
C ALA A 308 -5.62 0.89 15.29
N CYS A 309 -6.00 2.11 15.67
CA CYS A 309 -5.44 3.34 15.04
C CYS A 309 -3.95 3.46 15.33
N SER A 310 -3.49 3.16 16.56
CA SER A 310 -2.08 3.38 16.99
C SER A 310 -1.25 2.10 16.86
N HIS A 311 0.07 2.28 16.67
CA HIS A 311 1.09 1.20 16.66
C HIS A 311 1.16 0.51 18.03
N ALA A 312 1.05 1.30 19.12
CA ALA A 312 1.09 0.76 20.50
C ALA A 312 -0.11 -0.18 20.72
N ALA A 313 -1.31 0.21 20.28
CA ALA A 313 -2.52 -0.65 20.45
C ALA A 313 -2.33 -1.96 19.69
N VAL A 314 -1.78 -1.91 18.46
CA VAL A 314 -1.56 -3.11 17.60
C VAL A 314 -0.44 -3.97 18.21
N ASP A 315 0.61 -3.36 18.75
CA ASP A 315 1.78 -4.03 19.42
C ASP A 315 1.36 -4.72 20.72
N ALA A 316 0.45 -4.11 21.49
CA ALA A 316 -0.15 -4.74 22.69
C ALA A 316 -0.91 -6.01 22.29
N LEU A 317 -1.62 -6.00 21.15
CA LEU A 317 -2.38 -7.21 20.68
C LEU A 317 -1.39 -8.28 20.20
N CYS A 318 -0.24 -7.84 19.66
CA CYS A 318 0.85 -8.75 19.20
C CYS A 318 1.47 -9.46 20.41
N GLU A 319 1.74 -8.73 21.48
CA GLU A 319 2.32 -9.27 22.74
C GLU A 319 1.40 -10.40 23.26
N LYS A 320 0.10 -10.14 23.35
CA LYS A 320 -0.87 -11.15 23.83
C LYS A 320 -0.90 -12.35 22.87
N ALA A 321 -0.84 -12.11 21.56
CA ALA A 321 -0.89 -13.19 20.54
C ALA A 321 0.35 -14.08 20.69
N LEU A 322 1.52 -13.46 20.87
CA LEU A 322 2.82 -14.18 20.99
C LEU A 322 2.72 -15.24 22.09
N LYS A 323 1.95 -14.97 23.15
CA LYS A 323 1.83 -15.83 24.36
C LYS A 323 0.88 -17.01 24.09
N TYR A 324 -0.14 -16.86 23.24
CA TYR A 324 -1.26 -17.84 23.12
C TYR A 324 -1.43 -18.40 21.70
N LEU A 325 -0.94 -17.71 20.67
CA LEU A 325 -1.18 -18.14 19.26
C LEU A 325 0.15 -18.53 18.61
N PRO A 326 0.13 -19.48 17.64
CA PRO A 326 1.35 -19.94 16.99
C PRO A 326 1.99 -18.85 16.13
N ILE A 327 3.27 -18.55 16.38
CA ILE A 327 4.04 -17.40 15.85
C ILE A 327 4.17 -17.47 14.31
N ASP A 328 4.02 -18.64 13.70
CA ASP A 328 4.23 -18.82 12.23
C ASP A 328 2.95 -18.42 11.47
N LYS A 329 1.81 -18.28 12.14
CA LYS A 329 0.52 -17.85 11.51
C LYS A 329 0.18 -16.40 11.90
N CYS A 330 1.17 -15.64 12.41
CA CYS A 330 1.02 -14.21 12.82
C CYS A 330 1.95 -13.34 11.97
N SER A 331 1.39 -12.27 11.38
CA SER A 331 2.13 -11.26 10.59
C SER A 331 1.80 -9.84 11.09
N ARG A 332 2.83 -9.08 11.48
CA ARG A 332 2.74 -7.64 11.80
C ARG A 332 2.95 -6.87 10.49
N ILE A 333 1.90 -6.20 9.99
CA ILE A 333 1.96 -5.34 8.77
C ILE A 333 2.56 -4.00 9.19
N ILE A 334 3.62 -3.57 8.49
CA ILE A 334 4.37 -2.32 8.78
C ILE A 334 4.43 -1.51 7.50
N PRO A 335 3.90 -0.26 7.48
CA PRO A 335 3.89 0.56 6.28
C PRO A 335 5.32 0.90 5.81
N ALA A 336 5.56 0.80 4.49
CA ALA A 336 6.86 1.02 3.82
C ALA A 336 7.49 2.34 4.28
N ARG A 337 6.66 3.35 4.58
CA ARG A 337 7.07 4.62 5.22
C ARG A 337 7.03 4.41 6.75
N ALA A 338 7.97 3.62 7.27
CA ALA A 338 8.07 3.20 8.69
C ALA A 338 8.29 4.43 9.58
N ARG A 339 7.31 4.76 10.41
CA ARG A 339 7.25 6.01 11.20
C ARG A 339 7.94 5.82 12.56
N VAL A 340 7.43 4.93 13.42
CA VAL A 340 8.05 4.61 14.75
C VAL A 340 8.34 3.11 14.84
N GLU A 341 9.28 2.74 15.71
CA GLU A 341 9.65 1.33 16.05
C GLU A 341 8.41 0.62 16.57
N CYS A 342 8.16 -0.61 16.12
CA CYS A 342 7.01 -1.45 16.56
C CYS A 342 7.37 -2.96 16.52
N PHE A 343 6.40 -3.80 16.85
CA PHE A 343 6.56 -5.23 17.20
C PHE A 343 7.43 -5.96 16.18
N ASP A 344 8.40 -6.76 16.64
CA ASP A 344 9.49 -7.36 15.80
C ASP A 344 9.38 -8.90 15.71
N LYS A 345 8.67 -9.57 16.63
CA LYS A 345 8.76 -11.06 16.79
C LYS A 345 7.78 -11.79 15.86
N PHE A 346 7.14 -11.13 14.87
CA PHE A 346 6.36 -11.82 13.81
C PHE A 346 7.10 -11.67 12.47
N LYS A 347 6.70 -12.46 11.47
CA LYS A 347 7.03 -12.23 10.03
C LYS A 347 6.34 -10.93 9.61
N VAL A 348 7.07 -10.03 8.93
CA VAL A 348 6.58 -8.68 8.55
C VAL A 348 5.99 -8.71 7.13
N ASN A 349 4.79 -8.14 6.98
CA ASN A 349 4.13 -7.76 5.69
C ASN A 349 3.72 -9.00 4.91
N SER A 350 3.42 -10.10 5.62
CA SER A 350 2.75 -11.31 5.06
C SER A 350 1.25 -11.17 5.29
N THR A 351 0.57 -10.51 4.36
CA THR A 351 -0.90 -10.23 4.34
C THR A 351 -1.70 -11.54 4.44
N LEU A 352 -1.10 -12.67 4.06
CA LEU A 352 -1.82 -13.95 3.86
C LEU A 352 -1.78 -14.84 5.11
N GLU A 353 -1.04 -14.45 6.16
CA GLU A 353 -0.96 -15.24 7.42
C GLU A 353 -2.34 -15.22 8.09
N GLN A 354 -2.72 -16.30 8.78
CA GLN A 354 -4.05 -16.47 9.44
C GLN A 354 -4.35 -15.29 10.40
N TYR A 355 -3.30 -14.79 11.06
CA TYR A 355 -3.38 -13.67 12.03
C TYR A 355 -2.57 -12.49 11.50
N VAL A 356 -3.27 -11.38 11.23
CA VAL A 356 -2.67 -10.13 10.71
C VAL A 356 -2.89 -9.02 11.75
N PHE A 357 -1.81 -8.35 12.13
CA PHE A 357 -1.77 -7.26 13.13
C PHE A 357 -1.30 -6.00 12.41
N CYS A 358 -2.19 -5.01 12.25
CA CYS A 358 -1.97 -3.83 11.39
C CYS A 358 -2.78 -2.62 11.89
N THR A 359 -2.16 -1.45 11.89
CA THR A 359 -2.83 -0.15 12.15
C THR A 359 -3.82 0.12 11.01
N VAL A 360 -4.91 0.84 11.29
CA VAL A 360 -6.01 1.17 10.34
C VAL A 360 -5.43 1.79 9.05
N ASN A 361 -4.48 2.73 9.17
CA ASN A 361 -3.95 3.53 8.02
C ASN A 361 -3.13 2.66 7.09
N ALA A 362 -2.67 1.49 7.54
CA ALA A 362 -1.78 0.59 6.75
C ALA A 362 -2.55 -0.64 6.26
N LEU A 363 -3.84 -0.80 6.62
CA LEU A 363 -4.62 -2.04 6.32
C LEU A 363 -4.55 -2.32 4.83
N PRO A 364 -4.29 -3.58 4.43
CA PRO A 364 -4.39 -3.97 3.03
C PRO A 364 -5.86 -4.20 2.66
N GLU A 365 -6.11 -4.35 1.36
CA GLU A 365 -7.45 -4.76 0.84
C GLU A 365 -7.50 -6.29 0.92
N THR A 366 -8.27 -6.83 1.87
CA THR A 366 -8.35 -8.29 2.15
C THR A 366 -9.72 -8.65 2.76
N THR A 367 -9.88 -9.92 3.11
CA THR A 367 -11.09 -10.50 3.73
C THR A 367 -10.69 -11.22 5.02
N ALA A 368 -11.68 -11.54 5.84
CA ALA A 368 -11.46 -12.17 7.17
C ALA A 368 -12.75 -12.79 7.69
N ASP A 369 -12.61 -13.84 8.49
CA ASP A 369 -13.75 -14.48 9.20
C ASP A 369 -14.16 -13.53 10.33
N ILE A 370 -13.16 -13.04 11.08
CA ILE A 370 -13.34 -11.99 12.14
C ILE A 370 -12.33 -10.87 11.92
N VAL A 371 -12.81 -9.62 11.96
CA VAL A 371 -12.00 -8.40 12.21
C VAL A 371 -12.21 -7.99 13.68
N VAL A 372 -11.12 -7.83 14.43
CA VAL A 372 -11.13 -7.22 15.79
C VAL A 372 -10.53 -5.83 15.67
N PHE A 373 -11.35 -4.81 16.00
CA PHE A 373 -10.95 -3.38 16.08
C PHE A 373 -10.87 -2.99 17.57
N ASP A 374 -9.65 -2.70 18.05
CA ASP A 374 -9.34 -2.45 19.47
C ASP A 374 -9.12 -0.94 19.71
N GLU A 375 -9.21 -0.53 20.99
CA GLU A 375 -9.05 0.87 21.47
C GLU A 375 -10.04 1.76 20.71
N ILE A 376 -11.33 1.39 20.75
CA ILE A 376 -12.36 1.94 19.83
C ILE A 376 -12.68 3.38 20.22
N SER A 377 -12.42 3.79 21.46
CA SER A 377 -12.66 5.19 21.91
C SER A 377 -11.73 6.14 21.11
N MET A 378 -10.57 5.67 20.64
CA MET A 378 -9.57 6.47 19.88
C MET A 378 -9.89 6.49 18.38
N ALA A 379 -10.90 5.78 17.91
CA ALA A 379 -11.25 5.74 16.47
C ALA A 379 -12.16 6.93 16.16
N THR A 380 -11.91 7.57 15.00
CA THR A 380 -12.82 8.56 14.37
C THR A 380 -13.75 7.80 13.43
N ASN A 381 -14.85 8.43 12.97
CA ASN A 381 -15.76 7.85 11.96
C ASN A 381 -15.02 7.65 10.62
N TYR A 382 -14.03 8.48 10.33
CA TYR A 382 -13.10 8.25 9.19
C TYR A 382 -12.40 6.88 9.33
N ASP A 383 -11.89 6.57 10.52
CA ASP A 383 -11.23 5.27 10.82
C ASP A 383 -12.24 4.13 10.68
N LEU A 384 -13.44 4.28 11.22
CA LEU A 384 -14.51 3.24 11.17
C LEU A 384 -14.85 2.92 9.71
N SER A 385 -14.96 3.93 8.86
CA SER A 385 -15.29 3.78 7.41
C SER A 385 -14.15 3.04 6.69
N VAL A 386 -12.90 3.51 6.85
CA VAL A 386 -11.72 2.94 6.14
C VAL A 386 -11.63 1.44 6.42
N VAL A 387 -11.88 1.03 7.67
CA VAL A 387 -11.82 -0.40 8.08
C VAL A 387 -12.83 -1.17 7.23
N ASN A 388 -14.09 -0.72 7.19
CA ASN A 388 -15.20 -1.40 6.45
C ASN A 388 -14.89 -1.41 4.94
N ALA A 389 -14.06 -0.47 4.46
CA ALA A 389 -13.69 -0.31 3.03
C ALA A 389 -12.55 -1.25 2.63
N ARG A 390 -11.62 -1.56 3.55
CA ARG A 390 -10.40 -2.36 3.26
C ARG A 390 -10.60 -3.83 3.66
N LEU A 391 -11.49 -4.11 4.62
CA LEU A 391 -11.72 -5.48 5.17
C LEU A 391 -13.18 -5.88 4.91
N ARG A 392 -13.39 -6.95 4.14
CA ARG A 392 -14.69 -7.65 4.00
C ARG A 392 -14.67 -8.89 4.90
N ALA A 393 -15.48 -8.91 5.96
CA ALA A 393 -15.39 -9.89 7.06
C ALA A 393 -16.76 -10.49 7.38
N LYS A 394 -16.79 -11.71 7.90
CA LYS A 394 -18.03 -12.38 8.36
C LYS A 394 -18.51 -11.71 9.66
N HIS A 395 -17.56 -11.38 10.55
CA HIS A 395 -17.80 -10.75 11.87
C HIS A 395 -16.82 -9.61 12.16
N TYR A 396 -17.36 -8.49 12.65
CA TYR A 396 -16.58 -7.32 13.13
C TYR A 396 -16.76 -7.22 14.65
N VAL A 397 -15.66 -7.21 15.41
CA VAL A 397 -15.71 -6.99 16.89
C VAL A 397 -15.05 -5.66 17.21
N TYR A 398 -15.78 -4.82 17.94
CA TYR A 398 -15.34 -3.48 18.39
C TYR A 398 -15.09 -3.53 19.88
N ILE A 399 -13.81 -3.45 20.25
CA ILE A 399 -13.35 -3.47 21.67
C ILE A 399 -12.81 -2.10 22.07
N GLY A 400 -13.31 -1.57 23.19
CA GLY A 400 -12.66 -0.49 23.93
C GLY A 400 -13.54 -0.03 25.05
N ASP A 401 -13.49 1.25 25.39
CA ASP A 401 -14.22 1.78 26.56
C ASP A 401 -14.52 3.24 26.28
N PRO A 402 -15.82 3.63 26.19
CA PRO A 402 -16.20 5.03 25.98
C PRO A 402 -15.90 5.90 27.20
N ALA A 403 -15.52 5.31 28.34
CA ALA A 403 -15.08 6.04 29.55
C ALA A 403 -13.57 6.31 29.48
N GLN A 404 -12.90 5.94 28.39
CA GLN A 404 -11.47 6.26 28.18
C GLN A 404 -11.35 7.32 27.08
N LEU A 405 -10.12 7.59 26.62
CA LEU A 405 -9.84 8.85 25.89
C LEU A 405 -10.15 8.71 24.39
N PRO A 406 -10.73 9.78 23.79
CA PRO A 406 -10.98 9.81 22.36
C PRO A 406 -9.77 10.37 21.62
N ALA A 407 -9.78 10.26 20.28
CA ALA A 407 -8.78 10.90 19.40
C ALA A 407 -8.83 12.40 19.62
N PRO A 408 -7.66 13.08 19.66
CA PRO A 408 -7.62 14.53 19.75
C PRO A 408 -8.31 15.12 18.51
N ARG A 409 -9.23 16.05 18.72
CA ARG A 409 -9.86 16.87 17.64
C ARG A 409 -9.14 18.23 17.59
N THR A 410 -8.09 18.33 16.79
CA THR A 410 -7.18 19.50 16.73
C THR A 410 -7.97 20.79 16.50
N LEU A 411 -9.13 20.76 15.82
CA LEU A 411 -9.90 22.00 15.50
C LEU A 411 -10.89 22.35 16.62
N LEU A 412 -11.41 21.36 17.36
CA LEU A 412 -12.41 21.59 18.43
C LEU A 412 -11.78 22.40 19.57
N THR A 413 -12.26 23.62 19.80
CA THR A 413 -11.80 24.53 20.87
C THR A 413 -12.96 24.96 21.76
N LYS A 414 -14.21 24.86 21.32
CA LYS A 414 -15.39 25.32 22.10
C LYS A 414 -16.31 24.14 22.43
N GLY A 415 -16.60 23.92 23.71
CA GLY A 415 -17.48 22.84 24.18
C GLY A 415 -16.69 21.56 24.38
N THR A 416 -17.24 20.61 25.14
CA THR A 416 -16.58 19.32 25.45
C THR A 416 -17.30 18.23 24.67
N LEU A 417 -16.53 17.36 24.01
CA LEU A 417 -17.03 16.18 23.26
C LEU A 417 -17.32 15.04 24.23
N GLU A 418 -18.60 14.74 24.47
CA GLU A 418 -19.03 13.61 25.35
C GLU A 418 -18.74 12.27 24.66
N PRO A 419 -18.53 11.19 25.44
CA PRO A 419 -18.26 9.85 24.90
C PRO A 419 -19.22 9.33 23.83
N GLU A 420 -20.52 9.64 23.96
CA GLU A 420 -21.56 9.21 22.98
C GLU A 420 -21.34 9.84 21.60
N TYR A 421 -20.42 10.80 21.45
CA TYR A 421 -20.14 11.50 20.17
C TYR A 421 -18.74 11.16 19.65
N PHE A 422 -17.99 10.27 20.32
CA PHE A 422 -16.60 9.94 19.93
C PHE A 422 -16.60 9.33 18.53
N ASN A 423 -17.51 8.40 18.28
CA ASN A 423 -17.70 7.69 16.99
C ASN A 423 -19.00 6.89 17.09
N SER A 424 -19.41 6.25 16.00
CA SER A 424 -20.67 5.47 15.89
C SER A 424 -20.70 4.34 16.92
N VAL A 425 -19.57 3.66 17.13
CA VAL A 425 -19.46 2.52 18.07
C VAL A 425 -19.72 3.04 19.48
N CYS A 426 -19.01 4.08 19.91
CA CYS A 426 -19.17 4.64 21.28
C CYS A 426 -20.60 5.13 21.45
N ARG A 427 -21.17 5.78 20.44
CA ARG A 427 -22.56 6.25 20.47
C ARG A 427 -23.48 5.07 20.82
N LEU A 428 -23.33 3.95 20.12
CA LEU A 428 -24.13 2.73 20.40
C LEU A 428 -23.89 2.32 21.86
N MET A 429 -22.63 2.22 22.30
CA MET A 429 -22.30 1.75 23.67
C MET A 429 -22.90 2.70 24.72
N LYS A 430 -23.08 3.98 24.39
CA LYS A 430 -23.54 4.98 25.39
C LYS A 430 -25.06 5.08 25.37
N THR A 431 -25.72 4.62 24.31
CA THR A 431 -27.20 4.75 24.14
C THR A 431 -27.88 3.40 24.43
N ILE A 432 -27.68 2.38 23.59
CA ILE A 432 -28.35 1.05 23.70
C ILE A 432 -27.52 0.10 24.59
N GLY A 433 -26.38 0.56 25.12
CA GLY A 433 -25.44 -0.27 25.89
C GLY A 433 -24.53 -1.09 24.96
N PRO A 434 -23.40 -1.61 25.48
CA PRO A 434 -22.52 -2.47 24.68
C PRO A 434 -23.11 -3.88 24.67
N ASP A 435 -22.75 -4.70 23.69
CA ASP A 435 -23.26 -6.09 23.58
C ASP A 435 -22.71 -6.89 24.75
N MET A 436 -21.45 -6.62 25.12
CA MET A 436 -20.71 -7.38 26.14
C MET A 436 -19.93 -6.37 27.00
N PHE A 437 -19.88 -6.60 28.32
CA PHE A 437 -19.21 -5.74 29.32
C PHE A 437 -18.33 -6.62 30.22
N LEU A 438 -17.01 -6.40 30.21
CA LEU A 438 -16.09 -7.05 31.18
C LEU A 438 -16.17 -6.28 32.53
N GLY A 439 -16.77 -6.90 33.54
CA GLY A 439 -17.21 -6.22 34.77
C GLY A 439 -16.22 -6.30 35.93
N THR A 440 -15.10 -7.03 35.80
CA THR A 440 -14.14 -7.20 36.92
C THR A 440 -12.77 -6.69 36.49
N CYS A 441 -12.29 -5.67 37.18
CA CYS A 441 -10.93 -5.10 37.02
C CYS A 441 -9.94 -5.98 37.80
N ARG A 442 -8.98 -6.59 37.12
CA ARG A 442 -7.95 -7.45 37.74
C ARG A 442 -6.67 -6.63 38.01
N ARG A 443 -6.56 -5.41 37.51
CA ARG A 443 -5.28 -4.64 37.59
C ARG A 443 -5.18 -3.85 38.91
N CYS A 444 -6.23 -3.12 39.29
CA CYS A 444 -6.09 -1.93 40.16
C CYS A 444 -6.43 -2.29 41.60
N PRO A 445 -5.74 -1.65 42.58
CA PRO A 445 -6.11 -1.79 43.98
C PRO A 445 -7.58 -1.35 44.11
N ALA A 446 -8.33 -1.95 45.02
CA ALA A 446 -9.78 -1.71 45.14
C ALA A 446 -10.08 -0.20 45.24
N GLU A 447 -9.23 0.57 45.93
CA GLU A 447 -9.43 2.04 46.14
C GLU A 447 -9.65 2.71 44.78
N ILE A 448 -8.88 2.33 43.78
CA ILE A 448 -8.98 2.90 42.40
C ILE A 448 -10.23 2.35 41.70
N VAL A 449 -10.46 1.05 41.79
CA VAL A 449 -11.64 0.39 41.16
C VAL A 449 -12.93 1.03 41.72
N ASP A 450 -13.07 1.15 43.05
CA ASP A 450 -14.27 1.74 43.67
C ASP A 450 -14.44 3.18 43.16
N THR A 451 -13.37 3.96 43.05
CA THR A 451 -13.43 5.39 42.63
C THR A 451 -13.98 5.50 41.20
N VAL A 452 -13.35 4.82 40.23
CA VAL A 452 -13.75 4.94 38.80
C VAL A 452 -15.10 4.23 38.57
N SER A 453 -15.38 3.13 39.26
CA SER A 453 -16.68 2.42 39.17
C SER A 453 -17.81 3.42 39.41
N ALA A 454 -17.73 4.19 40.50
CA ALA A 454 -18.73 5.23 40.82
C ALA A 454 -18.65 6.36 39.79
N LEU A 455 -17.44 6.79 39.40
CA LEU A 455 -17.23 7.99 38.56
C LEU A 455 -17.81 7.78 37.16
N VAL A 456 -17.47 6.69 36.44
CA VAL A 456 -17.79 6.56 34.99
C VAL A 456 -18.48 5.23 34.64
N TYR A 457 -18.69 4.30 35.56
CA TYR A 457 -19.20 2.93 35.21
C TYR A 457 -20.49 2.61 35.97
N ASP A 458 -21.20 3.62 36.45
CA ASP A 458 -22.47 3.50 37.22
C ASP A 458 -22.37 2.32 38.17
N ASN A 459 -21.26 2.20 38.89
CA ASN A 459 -21.07 1.19 39.97
C ASN A 459 -21.12 -0.24 39.44
N LYS A 460 -20.86 -0.48 38.15
CA LYS A 460 -20.90 -1.83 37.53
C LYS A 460 -19.49 -2.43 37.43
N LEU A 461 -18.42 -1.68 37.73
CA LEU A 461 -17.04 -2.24 37.70
C LEU A 461 -16.69 -2.75 39.10
N LYS A 462 -16.25 -4.00 39.19
CA LYS A 462 -15.93 -4.66 40.48
C LYS A 462 -14.43 -4.88 40.57
N ALA A 463 -13.90 -4.85 41.80
CA ALA A 463 -12.46 -5.04 42.10
C ALA A 463 -12.20 -6.53 42.34
N HIS A 464 -11.24 -7.10 41.63
CA HIS A 464 -10.63 -8.41 41.93
C HIS A 464 -9.67 -8.27 43.12
N LYS A 465 -8.77 -7.26 43.05
CA LYS A 465 -7.72 -7.04 44.05
C LYS A 465 -8.35 -6.45 45.30
N ASP A 466 -7.72 -6.71 46.43
CA ASP A 466 -7.99 -6.04 47.73
C ASP A 466 -7.54 -4.58 47.60
N LYS A 467 -8.01 -3.71 48.49
CA LYS A 467 -7.35 -2.40 48.75
C LYS A 467 -5.85 -2.65 48.96
N SER A 468 -4.98 -1.84 48.38
CA SER A 468 -3.50 -1.96 48.51
C SER A 468 -3.01 -1.23 49.77
N ALA A 469 -3.82 -0.30 50.29
CA ALA A 469 -3.44 0.70 51.32
C ALA A 469 -2.17 1.46 50.87
N GLN A 470 -1.94 1.58 49.56
CA GLN A 470 -0.84 2.37 48.94
C GLN A 470 -1.40 3.38 47.93
N CYS A 471 -2.66 3.82 48.11
CA CYS A 471 -3.34 4.81 47.25
C CYS A 471 -3.56 6.06 48.09
N PHE A 472 -2.87 7.14 47.74
CA PHE A 472 -2.85 8.41 48.52
C PHE A 472 -3.29 9.58 47.65
N LYS A 473 -3.92 10.55 48.29
CA LYS A 473 -4.37 11.79 47.63
C LYS A 473 -3.88 12.94 48.49
N MET A 474 -3.49 14.04 47.85
CA MET A 474 -3.16 15.29 48.57
C MET A 474 -3.79 16.43 47.78
N PHE A 475 -4.53 17.29 48.47
CA PHE A 475 -5.13 18.49 47.86
C PHE A 475 -4.12 19.63 47.96
N TYR A 476 -3.55 20.06 46.84
CA TYR A 476 -2.44 21.04 46.82
C TYR A 476 -2.39 21.77 45.48
N LYS A 477 -2.98 22.96 45.44
CA LYS A 477 -3.16 23.75 44.19
C LYS A 477 -1.81 24.26 43.68
N GLY A 478 -0.86 24.54 44.57
CA GLY A 478 0.50 24.94 44.14
C GLY A 478 0.43 26.25 43.38
N VAL A 479 1.20 26.36 42.31
CA VAL A 479 1.37 27.60 41.50
C VAL A 479 1.46 27.14 40.06
N ILE A 480 0.72 27.78 39.19
CA ILE A 480 0.57 27.29 37.80
C ILE A 480 1.28 28.30 36.90
N THR A 481 2.33 27.84 36.26
CA THR A 481 3.10 28.60 35.24
C THR A 481 2.78 27.87 33.94
N HIS A 482 3.08 28.48 32.81
CA HIS A 482 2.70 27.96 31.48
C HIS A 482 3.88 28.12 30.53
N ASP A 483 4.22 27.04 29.82
CA ASP A 483 5.13 27.01 28.66
C ASP A 483 4.25 27.24 27.42
N VAL A 484 3.99 28.50 27.11
CA VAL A 484 2.94 28.94 26.14
C VAL A 484 1.57 28.68 26.80
N SER A 485 0.92 27.56 26.48
CA SER A 485 -0.40 27.14 27.02
C SER A 485 -0.31 25.82 27.81
N SER A 486 0.75 25.03 27.59
CA SER A 486 1.03 23.79 28.37
C SER A 486 1.38 24.20 29.80
N ALA A 487 0.75 23.57 30.79
CA ALA A 487 0.81 24.02 32.21
C ALA A 487 1.93 23.30 32.97
N ILE A 488 2.46 23.98 33.97
CA ILE A 488 3.52 23.47 34.88
C ILE A 488 3.08 23.84 36.29
N ASN A 489 3.36 22.97 37.28
CA ASN A 489 3.10 23.25 38.72
C ASN A 489 4.31 22.74 39.51
N ARG A 490 5.31 23.61 39.68
CA ARG A 490 6.59 23.24 40.33
C ARG A 490 6.30 22.85 41.77
N PRO A 491 5.49 23.62 42.54
CA PRO A 491 5.20 23.20 43.90
C PRO A 491 4.57 21.79 44.00
N GLN A 492 3.72 21.39 43.04
CA GLN A 492 3.15 20.01 43.05
C GLN A 492 4.28 18.99 42.85
N ILE A 493 5.28 19.30 42.03
CA ILE A 493 6.47 18.40 41.83
C ILE A 493 7.31 18.40 43.12
N GLY A 494 7.34 19.55 43.82
CA GLY A 494 8.09 19.72 45.08
C GLY A 494 7.51 18.83 46.15
N VAL A 495 6.18 18.81 46.27
CA VAL A 495 5.45 17.88 47.17
C VAL A 495 5.80 16.42 46.83
N VAL A 496 5.85 16.05 45.56
CA VAL A 496 6.20 14.66 45.13
C VAL A 496 7.62 14.37 45.63
N ARG A 497 8.56 15.30 45.41
CA ARG A 497 9.98 15.15 45.82
C ARG A 497 10.02 14.87 47.33
N GLU A 498 9.30 15.65 48.15
CA GLU A 498 9.30 15.43 49.63
C GLU A 498 8.81 14.01 49.91
N PHE A 499 7.74 13.59 49.22
CA PHE A 499 7.08 12.28 49.38
C PHE A 499 8.05 11.14 49.06
N LEU A 500 8.84 11.29 47.99
CA LEU A 500 9.76 10.22 47.51
C LEU A 500 10.83 9.94 48.56
N THR A 501 11.34 10.97 49.24
CA THR A 501 12.42 10.82 50.25
C THR A 501 11.88 9.93 51.38
N ARG A 502 10.59 10.06 51.73
CA ARG A 502 9.93 9.34 52.85
C ARG A 502 9.30 8.03 52.37
N ASN A 503 9.28 7.76 51.07
CA ASN A 503 8.55 6.59 50.51
C ASN A 503 9.41 5.92 49.43
N PRO A 504 10.66 5.49 49.75
CA PRO A 504 11.63 5.09 48.72
C PRO A 504 11.18 3.95 47.80
N ALA A 505 10.14 3.20 48.18
CA ALA A 505 9.54 2.12 47.34
C ALA A 505 8.93 2.72 46.06
N TRP A 506 8.61 4.01 46.10
CA TRP A 506 7.96 4.75 44.99
C TRP A 506 8.99 5.25 43.98
N ARG A 507 10.28 4.99 44.24
CA ARG A 507 11.43 5.35 43.36
C ARG A 507 11.19 4.83 41.95
N LYS A 508 10.53 3.68 41.85
CA LYS A 508 10.25 2.95 40.59
C LYS A 508 9.02 3.56 39.88
N ALA A 509 8.33 4.54 40.48
CA ALA A 509 7.01 5.04 40.03
C ALA A 509 7.14 5.75 38.68
N VAL A 510 6.09 5.65 37.88
CA VAL A 510 5.89 6.45 36.63
C VAL A 510 5.18 7.74 37.05
N PHE A 511 5.73 8.88 36.65
CA PHE A 511 5.13 10.22 36.85
C PHE A 511 4.14 10.48 35.71
N ILE A 512 2.90 10.86 36.02
CA ILE A 512 1.83 11.12 35.02
C ILE A 512 1.17 12.45 35.34
N SER A 513 0.89 13.23 34.31
CA SER A 513 0.22 14.55 34.40
C SER A 513 -0.53 14.77 33.11
N PRO A 514 -1.52 15.69 33.08
CA PRO A 514 -2.22 15.97 31.83
C PRO A 514 -1.42 16.86 30.85
N TYR A 515 -0.16 17.20 31.15
CA TYR A 515 0.64 18.21 30.40
C TYR A 515 2.11 17.77 30.23
N ASN A 516 2.57 17.81 28.97
CA ASN A 516 3.97 17.52 28.58
C ASN A 516 4.95 18.42 29.34
N SER A 517 4.63 19.70 29.47
CA SER A 517 5.54 20.68 30.10
C SER A 517 5.72 20.34 31.58
N GLN A 518 4.65 19.93 32.27
CA GLN A 518 4.76 19.47 33.68
C GLN A 518 5.70 18.25 33.70
N ASN A 519 5.53 17.35 32.75
CA ASN A 519 6.26 16.06 32.63
C ASN A 519 7.76 16.37 32.43
N ALA A 520 8.07 17.30 31.53
CA ALA A 520 9.45 17.76 31.22
C ALA A 520 10.13 18.21 32.52
N VAL A 521 9.44 19.02 33.32
CA VAL A 521 9.97 19.56 34.61
C VAL A 521 10.10 18.41 35.64
N ALA A 522 9.10 17.54 35.74
CA ALA A 522 9.12 16.39 36.69
C ALA A 522 10.25 15.44 36.28
N SER A 523 10.54 15.32 34.99
CA SER A 523 11.66 14.47 34.49
C SER A 523 12.99 14.95 35.08
N LYS A 524 13.27 16.26 35.02
CA LYS A 524 14.56 16.80 35.49
C LYS A 524 14.64 16.76 37.03
N ILE A 525 13.59 17.13 37.75
CA ILE A 525 13.65 17.30 39.24
C ILE A 525 13.57 15.92 39.93
N LEU A 526 12.77 14.99 39.40
CA LEU A 526 12.47 13.68 40.06
C LEU A 526 13.29 12.54 39.41
N GLY A 527 13.55 12.63 38.11
CA GLY A 527 14.23 11.57 37.35
C GLY A 527 13.34 10.35 37.11
N LEU A 528 12.06 10.39 37.47
CA LEU A 528 11.08 9.31 37.20
C LEU A 528 10.79 9.27 35.72
N PRO A 529 10.51 8.09 35.12
CA PRO A 529 9.99 8.07 33.76
C PRO A 529 8.63 8.79 33.81
N THR A 530 8.28 9.37 32.68
CA THR A 530 7.24 10.42 32.55
C THR A 530 6.26 10.00 31.44
N GLN A 531 4.98 10.28 31.65
CA GLN A 531 3.90 9.92 30.71
C GLN A 531 2.77 10.92 30.86
N THR A 532 2.23 11.46 29.76
CA THR A 532 0.94 12.19 29.75
C THR A 532 -0.16 11.14 30.00
N VAL A 533 -1.31 11.57 30.50
CA VAL A 533 -2.47 10.67 30.69
C VAL A 533 -2.76 9.99 29.35
N ASP A 534 -2.78 10.78 28.28
CA ASP A 534 -3.21 10.39 26.92
C ASP A 534 -2.24 9.30 26.39
N SER A 535 -0.93 9.45 26.60
CA SER A 535 0.06 8.44 26.14
C SER A 535 0.12 7.24 27.11
N SER A 536 -0.40 7.35 28.35
CA SER A 536 -0.39 6.26 29.36
C SER A 536 -1.47 5.22 29.04
N GLN A 537 -2.49 5.60 28.25
CA GLN A 537 -3.69 4.76 27.96
C GLN A 537 -3.24 3.45 27.33
N GLY A 538 -3.74 2.33 27.86
CA GLY A 538 -3.39 0.95 27.43
C GLY A 538 -2.21 0.35 28.21
N SER A 539 -1.44 1.16 28.93
CA SER A 539 -0.26 0.74 29.72
C SER A 539 -0.64 0.59 31.20
N GLU A 540 0.18 -0.13 31.97
CA GLU A 540 0.02 -0.31 33.43
C GLU A 540 1.40 -0.33 34.09
N TYR A 541 1.47 0.25 35.29
CA TYR A 541 2.71 0.43 36.09
C TYR A 541 2.38 0.08 37.52
N ASP A 542 3.36 -0.45 38.26
CA ASP A 542 3.21 -0.84 39.68
C ASP A 542 2.76 0.38 40.47
N TYR A 543 3.48 1.48 40.31
CA TYR A 543 3.25 2.74 41.06
C TYR A 543 3.08 3.91 40.09
N VAL A 544 2.16 4.79 40.44
CA VAL A 544 1.87 5.99 39.60
C VAL A 544 1.93 7.20 40.54
N ILE A 545 2.59 8.27 40.11
CA ILE A 545 2.43 9.59 40.77
C ILE A 545 1.79 10.49 39.73
N PHE A 546 0.63 11.03 40.10
CA PHE A 546 -0.21 11.89 39.24
C PHE A 546 -0.29 13.27 39.89
N THR A 547 0.16 14.30 39.19
CA THR A 547 -0.05 15.72 39.57
C THR A 547 -1.07 16.26 38.57
N GLN A 548 -2.22 16.72 39.05
CA GLN A 548 -3.28 17.25 38.19
C GLN A 548 -2.78 18.50 37.46
N THR A 549 -1.83 19.22 38.06
CA THR A 549 -1.16 20.44 37.52
C THR A 549 -2.08 21.65 37.59
N THR A 550 -3.23 21.61 36.92
CA THR A 550 -4.20 22.73 36.82
C THR A 550 -5.62 22.27 37.18
N GLU A 551 -6.51 23.23 37.40
CA GLU A 551 -7.98 23.09 37.38
C GLU A 551 -8.45 23.65 36.05
N THR A 552 -8.53 22.81 35.03
CA THR A 552 -9.10 23.15 33.71
C THR A 552 -10.07 22.04 33.28
N ALA A 553 -10.80 22.25 32.20
CA ALA A 553 -11.69 21.21 31.62
C ALA A 553 -10.84 20.02 31.16
N HIS A 554 -9.65 20.28 30.62
CA HIS A 554 -8.67 19.26 30.21
C HIS A 554 -8.25 18.37 31.38
N SER A 555 -7.85 18.95 32.50
CA SER A 555 -7.26 18.22 33.66
C SER A 555 -8.36 17.64 34.56
N CYS A 556 -9.62 18.08 34.39
CA CYS A 556 -10.77 17.62 35.20
C CYS A 556 -11.66 16.69 34.39
N ASN A 557 -11.35 16.47 33.12
CA ASN A 557 -12.12 15.54 32.26
C ASN A 557 -12.15 14.18 32.96
N VAL A 558 -13.36 13.67 33.23
CA VAL A 558 -13.55 12.41 34.00
C VAL A 558 -12.95 11.23 33.23
N ASN A 559 -12.98 11.23 31.89
CA ASN A 559 -12.38 10.13 31.10
C ASN A 559 -10.87 10.14 31.32
N ARG A 560 -10.24 11.30 31.19
CA ARG A 560 -8.77 11.46 31.40
C ARG A 560 -8.45 11.07 32.84
N PHE A 561 -9.24 11.53 33.81
CA PHE A 561 -9.02 11.21 35.24
C PHE A 561 -9.11 9.69 35.46
N ASN A 562 -10.11 9.06 34.86
CA ASN A 562 -10.34 7.58 34.87
C ASN A 562 -9.07 6.88 34.35
N VAL A 563 -8.60 7.23 33.16
CA VAL A 563 -7.38 6.62 32.56
C VAL A 563 -6.19 6.84 33.50
N ALA A 564 -6.02 8.05 34.04
CA ALA A 564 -4.84 8.43 34.86
C ALA A 564 -4.68 7.45 36.03
N ILE A 565 -5.71 7.25 36.84
CA ILE A 565 -5.59 6.53 38.12
C ILE A 565 -5.70 5.02 37.93
N THR A 566 -6.23 4.53 36.79
CA THR A 566 -6.36 3.09 36.50
C THR A 566 -5.11 2.57 35.80
N ARG A 567 -4.04 3.35 35.71
CA ARG A 567 -2.74 2.84 35.20
C ARG A 567 -2.03 2.00 36.28
N ALA A 568 -2.40 2.17 37.56
CA ALA A 568 -1.64 1.67 38.72
C ALA A 568 -2.06 0.24 39.10
N LYS A 569 -1.09 -0.64 39.32
CA LYS A 569 -1.31 -2.03 39.76
C LYS A 569 -1.27 -2.14 41.30
N VAL A 570 -0.47 -1.32 41.97
CA VAL A 570 -0.17 -1.45 43.43
C VAL A 570 -0.49 -0.15 44.16
N GLY A 571 0.12 0.95 43.73
CA GLY A 571 0.02 2.23 44.44
C GLY A 571 -0.13 3.41 43.51
N ILE A 572 -0.78 4.46 44.01
CA ILE A 572 -0.91 5.74 43.30
C ILE A 572 -0.88 6.85 44.34
N LEU A 573 -0.21 7.96 43.99
CA LEU A 573 -0.25 9.24 44.72
C LEU A 573 -0.85 10.25 43.76
N CYS A 574 -1.94 10.90 44.14
CA CYS A 574 -2.61 11.92 43.33
C CYS A 574 -2.47 13.22 44.08
N ILE A 575 -1.73 14.16 43.50
CA ILE A 575 -1.68 15.56 43.99
C ILE A 575 -2.72 16.28 43.18
N MET A 576 -3.77 16.76 43.84
CA MET A 576 -5.02 17.23 43.18
C MET A 576 -5.13 18.76 43.28
N SER A 577 -5.74 19.34 42.25
CA SER A 577 -6.05 20.79 42.14
C SER A 577 -7.57 21.00 42.27
N ASP A 578 -8.37 20.01 41.90
CA ASP A 578 -9.85 20.07 41.82
C ASP A 578 -10.44 19.41 43.07
N ARG A 579 -11.24 20.16 43.83
CA ARG A 579 -11.88 19.69 45.09
C ARG A 579 -12.79 18.50 44.78
N ASP A 580 -13.60 18.62 43.73
CA ASP A 580 -14.60 17.60 43.30
C ASP A 580 -13.88 16.25 43.16
N LEU A 581 -12.85 16.18 42.30
CA LEU A 581 -12.18 14.90 41.98
C LEU A 581 -11.34 14.42 43.17
N TYR A 582 -10.77 15.35 43.94
CA TYR A 582 -10.05 15.03 45.20
C TYR A 582 -11.01 14.31 46.14
N ASP A 583 -12.20 14.88 46.38
CA ASP A 583 -13.15 14.31 47.38
C ASP A 583 -13.61 12.92 46.89
N LYS A 584 -13.78 12.72 45.59
CA LYS A 584 -14.23 11.42 45.03
C LYS A 584 -13.17 10.34 45.16
N LEU A 585 -11.88 10.67 45.13
CA LEU A 585 -10.80 9.65 45.28
C LEU A 585 -11.02 8.94 46.63
N GLN A 586 -11.21 7.62 46.61
CA GLN A 586 -11.41 6.81 47.83
C GLN A 586 -10.04 6.35 48.29
N PHE A 587 -9.15 7.32 48.56
CA PHE A 587 -7.73 7.10 48.92
C PHE A 587 -7.54 7.70 50.30
N THR A 588 -6.50 7.24 50.99
CA THR A 588 -5.94 7.83 52.22
C THR A 588 -5.39 9.23 51.91
N SER A 589 -5.88 10.25 52.59
CA SER A 589 -5.43 11.65 52.39
C SER A 589 -4.12 11.84 53.15
N LEU A 590 -3.15 12.52 52.54
CA LEU A 590 -1.84 12.89 53.15
C LEU A 590 -1.88 14.36 53.59
N GLU A 591 -0.91 14.75 54.42
CA GLU A 591 -0.76 16.12 55.00
C GLU A 591 0.53 16.79 54.50
N ILE A 592 0.38 18.06 54.10
CA ILE A 592 1.42 19.13 53.90
C ILE A 592 0.69 20.25 53.15
N VAL B 2 -9.72 -24.06 3.92
CA VAL B 2 -10.71 -24.67 2.96
C VAL B 2 -10.85 -23.78 1.72
N GLY B 3 -11.02 -24.40 0.54
CA GLY B 3 -11.07 -23.73 -0.78
C GLY B 3 -11.16 -24.72 -1.92
N ALA B 4 -10.88 -24.24 -3.14
CA ALA B 4 -11.08 -24.96 -4.41
C ALA B 4 -9.76 -25.60 -4.88
N CYS B 5 -9.87 -26.79 -5.46
CA CYS B 5 -8.75 -27.54 -6.07
C CYS B 5 -8.26 -26.75 -7.29
N VAL B 6 -6.95 -26.64 -7.50
CA VAL B 6 -6.34 -25.93 -8.67
C VAL B 6 -6.39 -26.80 -9.94
N LEU B 7 -6.83 -28.07 -9.84
CA LEU B 7 -6.89 -28.98 -11.03
C LEU B 7 -8.34 -29.38 -11.38
N CYS B 8 -9.25 -29.31 -10.40
CA CYS B 8 -10.63 -29.86 -10.45
C CYS B 8 -11.68 -28.81 -10.12
N ASN B 9 -11.33 -27.87 -9.23
CA ASN B 9 -12.24 -26.88 -8.61
C ASN B 9 -12.99 -27.55 -7.44
N SER B 10 -13.00 -28.89 -7.37
CA SER B 10 -13.61 -29.68 -6.27
C SER B 10 -13.20 -29.08 -4.92
N GLN B 11 -14.16 -28.62 -4.11
CA GLN B 11 -13.92 -28.13 -2.73
C GLN B 11 -12.89 -29.03 -2.05
N THR B 12 -12.10 -28.52 -1.10
CA THR B 12 -11.30 -29.39 -0.18
C THR B 12 -10.81 -28.67 1.09
N SER B 13 -10.48 -29.49 2.08
CA SER B 13 -9.79 -29.11 3.34
C SER B 13 -8.28 -29.21 3.14
N LEU B 14 -7.80 -29.73 1.99
CA LEU B 14 -6.38 -30.10 1.78
C LEU B 14 -5.64 -29.04 0.94
N ARG B 15 -4.47 -28.62 1.44
CA ARG B 15 -3.41 -27.88 0.71
C ARG B 15 -2.15 -28.75 0.74
N CYS B 16 -1.41 -28.85 -0.37
CA CYS B 16 -0.05 -29.45 -0.41
C CYS B 16 0.89 -28.55 0.37
N GLY B 17 1.54 -29.09 1.41
CA GLY B 17 2.44 -28.32 2.29
C GLY B 17 3.83 -28.17 1.70
N ALA B 18 4.20 -29.05 0.75
CA ALA B 18 5.54 -29.09 0.14
C ALA B 18 5.62 -28.09 -1.03
N CYS B 19 4.48 -27.79 -1.66
CA CYS B 19 4.34 -26.72 -2.70
C CYS B 19 4.54 -25.35 -2.04
N ILE B 20 5.36 -24.49 -2.65
CA ILE B 20 5.69 -23.18 -2.01
C ILE B 20 4.42 -22.32 -1.97
N ARG B 21 3.48 -22.50 -2.91
CA ARG B 21 2.20 -21.71 -2.93
C ARG B 21 1.08 -22.41 -2.14
N ARG B 22 1.33 -23.62 -1.61
CA ARG B 22 0.38 -24.41 -0.81
C ARG B 22 -1.00 -24.48 -1.47
N PRO B 23 -1.08 -24.94 -2.73
CA PRO B 23 -2.34 -24.92 -3.47
C PRO B 23 -3.36 -25.91 -2.86
N PHE B 24 -4.63 -25.49 -2.77
CA PHE B 24 -5.76 -26.40 -2.48
C PHE B 24 -5.76 -27.54 -3.52
N LEU B 25 -5.69 -28.78 -3.03
CA LEU B 25 -5.85 -30.03 -3.81
C LEU B 25 -6.95 -30.88 -3.14
N CYS B 26 -7.87 -31.41 -3.93
CA CYS B 26 -8.99 -32.24 -3.44
C CYS B 26 -8.42 -33.63 -3.09
N CYS B 27 -9.19 -34.38 -2.29
CA CYS B 27 -8.87 -35.78 -1.88
C CYS B 27 -8.24 -36.53 -3.06
N LYS B 28 -8.77 -36.41 -4.27
CA LYS B 28 -8.30 -37.23 -5.42
C LYS B 28 -6.98 -36.66 -5.93
N CYS B 29 -6.93 -35.35 -6.24
CA CYS B 29 -5.80 -34.74 -6.99
C CYS B 29 -4.58 -34.66 -6.03
N CYS B 30 -4.85 -34.43 -4.74
CA CYS B 30 -3.83 -34.43 -3.66
C CYS B 30 -3.09 -35.77 -3.67
N TYR B 31 -3.84 -36.89 -3.72
CA TYR B 31 -3.29 -38.27 -3.68
C TYR B 31 -2.39 -38.48 -4.90
N ASP B 32 -2.87 -38.12 -6.10
CA ASP B 32 -2.12 -38.35 -7.36
C ASP B 32 -0.83 -37.52 -7.37
N HIS B 33 -0.81 -36.40 -6.63
CA HIS B 33 0.37 -35.48 -6.50
C HIS B 33 1.37 -36.10 -5.51
N VAL B 34 0.92 -36.45 -4.30
CA VAL B 34 1.81 -36.98 -3.22
C VAL B 34 2.42 -38.33 -3.64
N ILE B 35 1.71 -39.20 -4.38
CA ILE B 35 2.27 -40.54 -4.74
C ILE B 35 3.24 -40.42 -5.92
N SER B 36 3.20 -39.34 -6.69
CA SER B 36 3.99 -39.22 -7.96
C SER B 36 5.15 -38.23 -7.82
N THR B 37 5.27 -37.52 -6.68
CA THR B 37 6.35 -36.53 -6.42
C THR B 37 7.01 -36.85 -5.07
N SER B 38 8.01 -36.05 -4.70
CA SER B 38 8.64 -35.99 -3.36
C SER B 38 7.71 -35.24 -2.39
N HIS B 39 6.69 -34.55 -2.87
CA HIS B 39 5.77 -33.76 -2.01
C HIS B 39 4.92 -34.74 -1.19
N LYS B 40 5.07 -34.78 0.13
CA LYS B 40 4.27 -35.68 1.00
C LYS B 40 3.70 -34.95 2.22
N LEU B 41 4.04 -33.67 2.45
CA LEU B 41 3.37 -32.93 3.56
C LEU B 41 2.04 -32.42 2.99
N VAL B 42 0.94 -32.70 3.70
CA VAL B 42 -0.44 -32.26 3.33
C VAL B 42 -0.99 -31.45 4.50
N LEU B 43 -1.57 -30.28 4.19
CA LEU B 43 -2.11 -29.34 5.20
C LEU B 43 -3.63 -29.37 5.15
N SER B 44 -4.27 -29.29 6.31
CA SER B 44 -5.74 -29.15 6.46
C SER B 44 -6.04 -28.04 7.48
N VAL B 45 -6.97 -28.28 8.41
CA VAL B 45 -7.20 -27.42 9.60
C VAL B 45 -5.93 -27.51 10.47
N ASN B 46 -5.45 -28.73 10.65
CA ASN B 46 -4.12 -29.07 11.20
C ASN B 46 -3.25 -29.51 10.02
N PRO B 47 -1.90 -29.52 10.16
CA PRO B 47 -1.05 -30.21 9.20
C PRO B 47 -1.11 -31.71 9.49
N TYR B 48 -1.08 -32.52 8.43
CA TYR B 48 -1.02 -33.99 8.54
C TYR B 48 0.40 -34.34 9.02
N VAL B 49 0.57 -34.38 10.34
CA VAL B 49 1.85 -34.69 11.03
C VAL B 49 1.50 -35.52 12.27
N CYS B 50 2.35 -36.49 12.65
CA CYS B 50 2.10 -37.34 13.84
C CYS B 50 2.06 -36.46 15.11
N ASN B 51 0.96 -36.58 15.86
CA ASN B 51 0.70 -35.76 17.08
C ASN B 51 1.49 -36.28 18.28
N ALA B 52 1.99 -37.51 18.24
CA ALA B 52 2.76 -38.11 19.35
C ALA B 52 3.97 -37.23 19.64
N PRO B 53 4.21 -36.83 20.91
CA PRO B 53 5.31 -35.92 21.26
C PRO B 53 6.70 -36.32 20.74
N GLY B 54 7.37 -35.39 20.06
CA GLY B 54 8.75 -35.56 19.55
C GLY B 54 8.83 -36.60 18.44
N CYS B 55 7.75 -36.80 17.69
CA CYS B 55 7.72 -37.62 16.45
C CYS B 55 7.77 -36.72 15.21
N ASP B 56 8.69 -37.03 14.28
CA ASP B 56 9.00 -36.19 13.09
C ASP B 56 8.39 -36.80 11.82
N VAL B 57 7.32 -37.60 11.94
CA VAL B 57 6.63 -38.18 10.73
C VAL B 57 5.66 -37.13 10.17
N THR B 58 5.97 -36.66 8.95
CA THR B 58 5.21 -35.64 8.18
C THR B 58 4.66 -36.23 6.86
N ASP B 59 5.22 -37.35 6.37
CA ASP B 59 4.77 -38.05 5.13
C ASP B 59 3.32 -38.52 5.31
N VAL B 60 2.42 -38.10 4.42
CA VAL B 60 0.96 -38.37 4.51
C VAL B 60 0.70 -39.87 4.23
N THR B 61 1.55 -40.53 3.44
CA THR B 61 1.43 -41.97 3.08
C THR B 61 1.78 -42.84 4.31
N GLN B 62 2.51 -42.29 5.29
CA GLN B 62 2.96 -43.01 6.52
C GLN B 62 2.14 -42.56 7.73
N LEU B 63 0.97 -41.93 7.52
CA LEU B 63 0.14 -41.37 8.64
C LEU B 63 -1.29 -41.91 8.58
N TYR B 64 -1.99 -41.86 9.74
CA TYR B 64 -3.35 -42.39 10.00
C TYR B 64 -4.12 -41.41 10.89
N LEU B 65 -5.45 -41.31 10.71
CA LEU B 65 -6.34 -40.59 11.66
C LEU B 65 -6.75 -41.55 12.79
N GLY B 66 -6.27 -41.28 14.01
CA GLY B 66 -6.57 -42.05 15.23
C GLY B 66 -7.48 -41.26 16.17
N GLY B 67 -8.78 -41.49 16.06
CA GLY B 67 -9.82 -40.70 16.77
C GLY B 67 -10.03 -39.36 16.09
N MET B 68 -9.42 -38.30 16.64
CA MET B 68 -9.53 -36.91 16.10
C MET B 68 -8.15 -36.28 15.89
N SER B 69 -7.05 -37.00 16.17
CA SER B 69 -5.64 -36.57 15.97
C SER B 69 -4.91 -37.53 15.02
N TYR B 70 -3.87 -37.06 14.34
CA TYR B 70 -3.10 -37.81 13.31
C TYR B 70 -1.88 -38.45 13.96
N TYR B 71 -1.57 -39.70 13.58
CA TYR B 71 -0.41 -40.45 14.10
C TYR B 71 0.22 -41.24 12.96
N CYS B 72 1.50 -41.59 13.12
CA CYS B 72 2.25 -42.47 12.20
C CYS B 72 1.98 -43.94 12.56
N LYS B 73 2.67 -44.87 11.88
CA LYS B 73 2.49 -46.33 12.03
C LYS B 73 2.92 -46.73 13.45
N SER B 74 3.91 -46.05 14.03
CA SER B 74 4.50 -46.37 15.35
C SER B 74 3.66 -45.82 16.50
N HIS B 75 2.78 -44.84 16.25
CA HIS B 75 2.03 -44.12 17.32
C HIS B 75 0.51 -44.18 17.13
N LYS B 76 0.02 -44.72 16.01
CA LYS B 76 -1.44 -44.81 15.78
C LYS B 76 -2.07 -45.54 16.98
N PRO B 77 -3.31 -45.17 17.37
CA PRO B 77 -4.09 -45.98 18.31
C PRO B 77 -4.72 -47.19 17.61
N PRO B 78 -5.29 -48.16 18.35
CA PRO B 78 -5.87 -49.35 17.74
C PRO B 78 -6.91 -49.04 16.66
N ILE B 79 -7.84 -48.12 16.94
CA ILE B 79 -8.92 -47.69 16.01
C ILE B 79 -8.43 -46.45 15.24
N SER B 80 -7.89 -46.66 14.03
CA SER B 80 -7.39 -45.59 13.11
C SER B 80 -7.61 -46.02 11.66
N PHE B 81 -7.63 -45.07 10.72
CA PHE B 81 -7.68 -45.36 9.26
C PHE B 81 -6.64 -44.51 8.52
N PRO B 82 -5.94 -45.09 7.52
CA PRO B 82 -4.84 -44.39 6.84
C PRO B 82 -5.39 -43.13 6.17
N LEU B 83 -4.52 -42.15 5.91
CA LEU B 83 -4.91 -40.90 5.19
C LEU B 83 -4.84 -41.14 3.67
N CYS B 84 -4.02 -42.10 3.20
CA CYS B 84 -3.95 -42.54 1.77
C CYS B 84 -4.58 -43.93 1.57
N ALA B 85 -5.66 -43.98 0.80
CA ALA B 85 -6.34 -45.23 0.39
C ALA B 85 -7.24 -44.95 -0.82
N ASN B 86 -7.44 -45.93 -1.69
CA ASN B 86 -8.44 -45.81 -2.79
C ASN B 86 -8.17 -44.54 -3.60
N GLY B 87 -6.90 -44.22 -3.87
CA GLY B 87 -6.50 -43.06 -4.70
C GLY B 87 -7.01 -41.75 -4.14
N GLN B 88 -7.17 -41.66 -2.82
CA GLN B 88 -7.67 -40.45 -2.13
C GLN B 88 -6.81 -40.15 -0.91
N VAL B 89 -6.73 -38.88 -0.52
CA VAL B 89 -6.18 -38.41 0.78
C VAL B 89 -7.37 -37.99 1.64
N PHE B 90 -7.35 -38.31 2.94
CA PHE B 90 -8.47 -37.96 3.83
C PHE B 90 -8.49 -36.45 4.09
N GLY B 91 -9.67 -35.85 3.97
CA GLY B 91 -9.91 -34.42 4.27
C GLY B 91 -11.39 -34.12 4.43
N LEU B 92 -11.93 -33.24 3.58
CA LEU B 92 -13.37 -32.87 3.51
C LEU B 92 -13.85 -33.10 2.08
N TYR B 93 -15.17 -33.12 1.89
CA TYR B 93 -15.84 -33.14 0.58
C TYR B 93 -15.26 -34.25 -0.31
N LYS B 94 -15.04 -35.43 0.27
CA LYS B 94 -14.54 -36.68 -0.41
C LYS B 94 -15.58 -37.18 -1.42
N ASN B 95 -16.87 -36.87 -1.18
CA ASN B 95 -18.04 -37.21 -2.02
C ASN B 95 -17.95 -36.48 -3.38
N THR B 96 -17.54 -35.20 -3.35
CA THR B 96 -17.46 -34.28 -4.53
C THR B 96 -16.00 -34.16 -4.99
N CYS B 97 -15.44 -35.23 -5.58
CA CYS B 97 -14.07 -35.28 -6.16
C CYS B 97 -14.11 -35.87 -7.57
N VAL B 98 -13.71 -35.08 -8.56
CA VAL B 98 -13.74 -35.47 -9.99
C VAL B 98 -12.39 -36.08 -10.39
N GLY B 99 -11.28 -35.44 -9.98
CA GLY B 99 -9.91 -35.89 -10.32
C GLY B 99 -9.45 -35.29 -11.63
N SER B 100 -8.36 -35.79 -12.21
CA SER B 100 -7.78 -35.29 -13.49
C SER B 100 -7.17 -36.45 -14.28
N ASP B 101 -7.18 -36.32 -15.60
CA ASP B 101 -6.69 -37.36 -16.55
C ASP B 101 -5.19 -37.55 -16.34
N ASN B 102 -4.42 -36.45 -16.35
CA ASN B 102 -2.93 -36.43 -16.20
C ASN B 102 -2.50 -35.24 -15.32
N VAL B 103 -2.33 -35.48 -14.01
CA VAL B 103 -1.79 -34.53 -12.99
C VAL B 103 -0.32 -34.23 -13.30
N THR B 104 0.15 -34.60 -14.49
CA THR B 104 1.58 -34.61 -14.94
C THR B 104 2.13 -33.18 -15.07
N ASP B 105 1.38 -32.24 -15.64
CA ASP B 105 1.83 -30.84 -15.87
C ASP B 105 1.89 -30.09 -14.53
N PHE B 106 0.94 -30.36 -13.62
CA PHE B 106 0.88 -29.72 -12.28
C PHE B 106 2.11 -30.11 -11.45
N ASN B 107 2.57 -31.36 -11.53
CA ASN B 107 3.74 -31.90 -10.80
C ASN B 107 5.01 -31.21 -11.31
N ALA B 108 5.21 -31.18 -12.62
CA ALA B 108 6.32 -30.46 -13.29
C ALA B 108 6.35 -28.99 -12.82
N ILE B 109 5.21 -28.29 -12.77
CA ILE B 109 5.18 -26.85 -12.39
C ILE B 109 5.51 -26.77 -10.89
N ALA B 110 5.03 -27.72 -10.11
CA ALA B 110 5.11 -27.69 -8.63
C ALA B 110 6.54 -27.96 -8.17
N THR B 111 7.34 -28.68 -8.96
CA THR B 111 8.63 -29.28 -8.52
C THR B 111 9.82 -28.70 -9.30
N CYS B 112 9.61 -28.02 -10.43
CA CYS B 112 10.70 -27.48 -11.29
C CYS B 112 11.38 -26.33 -10.56
N ASP B 113 12.63 -26.03 -10.93
CA ASP B 113 13.44 -24.96 -10.27
C ASP B 113 13.44 -23.66 -11.12
N TRP B 114 12.80 -23.66 -12.29
CA TRP B 114 12.59 -22.47 -13.15
C TRP B 114 13.90 -21.97 -13.76
N THR B 115 14.94 -22.82 -13.86
CA THR B 115 16.27 -22.43 -14.45
C THR B 115 16.30 -22.84 -15.92
N ASN B 116 15.38 -23.70 -16.36
CA ASN B 116 15.29 -24.20 -17.77
C ASN B 116 14.15 -23.48 -18.51
N ALA B 117 14.38 -23.16 -19.78
CA ALA B 117 13.41 -22.53 -20.70
C ALA B 117 12.15 -23.42 -20.79
N GLY B 118 12.32 -24.74 -20.80
CA GLY B 118 11.22 -25.74 -20.88
C GLY B 118 10.21 -25.56 -19.76
N ASP B 119 10.62 -24.98 -18.64
CA ASP B 119 9.73 -24.74 -17.47
C ASP B 119 8.75 -23.61 -17.82
N TYR B 120 9.23 -22.59 -18.53
CA TYR B 120 8.50 -21.37 -18.94
C TYR B 120 7.60 -21.72 -20.12
N ILE B 121 8.04 -22.66 -20.96
CA ILE B 121 7.28 -23.16 -22.14
C ILE B 121 6.02 -23.87 -21.64
N LEU B 122 6.15 -24.67 -20.58
CA LEU B 122 5.01 -25.38 -19.96
C LEU B 122 4.06 -24.37 -19.30
N ALA B 123 4.58 -23.43 -18.52
CA ALA B 123 3.79 -22.45 -17.74
C ALA B 123 2.92 -21.62 -18.71
N ASN B 124 3.23 -21.66 -20.01
CA ASN B 124 2.47 -20.86 -21.01
C ASN B 124 1.73 -21.76 -22.01
N THR B 125 1.81 -23.09 -21.94
CA THR B 125 1.06 -24.01 -22.83
C THR B 125 0.09 -24.88 -22.03
N CYS B 126 0.19 -24.89 -20.69
CA CYS B 126 -0.68 -25.66 -19.78
C CYS B 126 -2.07 -25.03 -19.75
N THR B 127 -2.99 -25.57 -18.97
CA THR B 127 -4.38 -25.03 -18.87
C THR B 127 -4.32 -23.68 -18.17
N GLU B 128 -5.37 -22.87 -18.29
CA GLU B 128 -5.41 -21.48 -17.77
C GLU B 128 -5.18 -21.54 -16.26
N ARG B 129 -5.83 -22.46 -15.54
CA ARG B 129 -5.71 -22.50 -14.06
C ARG B 129 -4.27 -22.86 -13.67
N LEU B 130 -3.55 -23.59 -14.50
CA LEU B 130 -2.13 -23.95 -14.24
C LEU B 130 -1.19 -22.82 -14.72
N LYS B 131 -1.60 -22.00 -15.68
CA LYS B 131 -0.87 -20.74 -16.00
C LYS B 131 -0.80 -19.87 -14.73
N LEU B 132 -1.88 -19.80 -13.94
CA LEU B 132 -1.93 -18.94 -12.74
C LEU B 132 -1.05 -19.57 -11.64
N PHE B 133 -1.19 -20.88 -11.41
CA PHE B 133 -0.37 -21.65 -10.45
C PHE B 133 1.11 -21.47 -10.83
N ALA B 134 1.46 -21.69 -12.10
CA ALA B 134 2.85 -21.54 -12.59
C ALA B 134 3.36 -20.13 -12.29
N ALA B 135 2.54 -19.10 -12.61
CA ALA B 135 2.91 -17.67 -12.51
C ALA B 135 3.16 -17.31 -11.04
N GLU B 136 2.29 -17.76 -10.13
CA GLU B 136 2.50 -17.57 -8.68
C GLU B 136 3.76 -18.32 -8.21
N THR B 137 3.92 -19.56 -8.68
CA THR B 137 4.96 -20.48 -8.18
C THR B 137 6.30 -19.91 -8.61
N LEU B 138 6.39 -19.43 -9.85
CA LEU B 138 7.59 -18.76 -10.42
C LEU B 138 7.90 -17.47 -9.66
N LYS B 139 6.91 -16.62 -9.41
CA LYS B 139 7.16 -15.31 -8.78
C LYS B 139 7.62 -15.51 -7.34
N ALA B 140 7.00 -16.45 -6.62
CA ALA B 140 7.40 -16.80 -5.24
C ALA B 140 8.83 -17.35 -5.27
N THR B 141 9.17 -18.23 -6.21
CA THR B 141 10.53 -18.81 -6.34
C THR B 141 11.52 -17.65 -6.56
N GLU B 142 11.20 -16.75 -7.51
CA GLU B 142 12.02 -15.54 -7.82
C GLU B 142 12.26 -14.72 -6.55
N GLU B 143 11.24 -14.43 -5.73
CA GLU B 143 11.34 -13.52 -4.56
C GLU B 143 12.15 -14.18 -3.44
N THR B 144 11.94 -15.47 -3.21
CA THR B 144 12.66 -16.28 -2.18
C THR B 144 14.13 -16.36 -2.58
N PHE B 145 14.41 -16.51 -3.87
CA PHE B 145 15.78 -16.59 -4.42
C PHE B 145 16.56 -15.30 -4.13
N LYS B 146 15.92 -14.13 -4.04
CA LYS B 146 16.60 -12.86 -3.65
C LYS B 146 17.17 -12.97 -2.22
N LEU B 147 16.48 -13.67 -1.30
CA LEU B 147 16.93 -13.89 0.10
C LEU B 147 18.18 -14.78 0.12
N SER B 148 18.47 -15.53 -0.95
CA SER B 148 19.63 -16.45 -1.02
C SER B 148 20.93 -15.63 -1.08
N TYR B 149 20.84 -14.35 -1.44
CA TYR B 149 22.01 -13.46 -1.61
C TYR B 149 22.46 -12.85 -0.27
N GLY B 150 23.76 -12.65 -0.14
CA GLY B 150 24.37 -12.04 1.05
C GLY B 150 24.05 -10.57 1.13
N ILE B 151 23.99 -10.05 2.36
CA ILE B 151 23.86 -8.61 2.71
C ILE B 151 25.16 -7.91 2.31
N ALA B 152 25.10 -6.76 1.63
CA ALA B 152 26.26 -5.89 1.37
C ALA B 152 26.29 -4.78 2.42
N THR B 153 27.45 -4.51 3.02
CA THR B 153 27.61 -3.47 4.07
C THR B 153 28.72 -2.50 3.65
N VAL B 154 28.46 -1.20 3.85
CA VAL B 154 29.44 -0.10 3.61
C VAL B 154 30.59 -0.28 4.61
N ARG B 155 31.79 -0.53 4.08
CA ARG B 155 33.05 -0.74 4.86
C ARG B 155 33.82 0.58 4.93
N GLU B 156 33.71 1.41 3.88
CA GLU B 156 34.50 2.64 3.68
C GLU B 156 33.78 3.46 2.62
N VAL B 157 33.39 4.70 2.91
CA VAL B 157 32.72 5.59 1.92
C VAL B 157 33.84 6.24 1.11
N LEU B 158 34.42 5.48 0.19
CA LEU B 158 35.63 5.81 -0.63
C LEU B 158 35.57 7.28 -1.04
N SER B 159 34.41 7.72 -1.53
CA SER B 159 34.11 9.12 -1.94
C SER B 159 32.59 9.26 -2.06
N ASP B 160 32.11 10.33 -2.71
CA ASP B 160 30.72 10.44 -3.21
C ASP B 160 30.57 9.47 -4.38
N ARG B 161 29.37 8.90 -4.56
CA ARG B 161 28.97 8.07 -5.74
C ARG B 161 29.70 6.72 -5.80
N GLU B 162 30.70 6.45 -4.95
CA GLU B 162 31.51 5.20 -4.99
C GLU B 162 31.76 4.66 -3.57
N LEU B 163 31.62 3.34 -3.40
CA LEU B 163 31.69 2.65 -2.07
C LEU B 163 32.69 1.49 -2.10
N HIS B 164 33.19 1.15 -0.91
CA HIS B 164 33.88 -0.11 -0.56
C HIS B 164 32.86 -0.98 0.20
N LEU B 165 32.38 -2.07 -0.42
CA LEU B 165 31.33 -2.93 0.19
C LEU B 165 31.97 -4.17 0.81
N SER B 166 31.44 -4.57 1.96
CA SER B 166 31.75 -5.84 2.65
C SER B 166 30.55 -6.78 2.49
N TRP B 167 30.80 -8.05 2.12
CA TRP B 167 29.74 -9.01 1.73
C TRP B 167 29.63 -10.14 2.75
N GLU B 168 28.40 -10.49 3.11
CA GLU B 168 28.06 -11.62 4.02
C GLU B 168 28.74 -12.89 3.49
N VAL B 169 29.31 -13.68 4.41
CA VAL B 169 30.07 -14.94 4.13
C VAL B 169 29.07 -16.10 4.19
N GLY B 170 29.20 -17.08 3.28
CA GLY B 170 28.34 -18.28 3.24
C GLY B 170 27.08 -18.07 2.42
N LYS B 171 26.95 -16.91 1.76
CA LYS B 171 25.82 -16.57 0.84
C LYS B 171 26.42 -15.93 -0.41
N PRO B 172 25.96 -16.30 -1.62
CA PRO B 172 26.49 -15.71 -2.85
C PRO B 172 26.18 -14.22 -2.95
N ARG B 173 26.89 -13.54 -3.85
CA ARG B 173 26.74 -12.08 -4.13
C ARG B 173 25.89 -11.94 -5.39
N PRO B 174 24.87 -11.07 -5.38
CA PRO B 174 24.05 -10.84 -6.57
C PRO B 174 24.88 -10.18 -7.66
N PRO B 175 24.46 -10.30 -8.94
CA PRO B 175 25.06 -9.55 -10.05
C PRO B 175 24.84 -8.04 -9.86
N LEU B 176 25.84 -7.22 -10.16
CA LEU B 176 25.76 -5.74 -10.00
C LEU B 176 25.43 -5.13 -11.37
N ASN B 177 24.16 -5.25 -11.78
CA ASN B 177 23.59 -4.65 -13.02
C ASN B 177 22.26 -3.97 -12.68
N ARG B 178 21.60 -3.37 -13.69
CA ARG B 178 20.39 -2.52 -13.52
C ARG B 178 19.26 -3.35 -12.89
N ASN B 179 19.16 -4.63 -13.26
CA ASN B 179 18.05 -5.56 -12.86
C ASN B 179 18.04 -5.83 -11.35
N TYR B 180 19.10 -5.49 -10.62
CA TYR B 180 19.23 -5.76 -9.17
C TYR B 180 19.15 -4.44 -8.40
N VAL B 181 17.99 -4.18 -7.79
CA VAL B 181 17.74 -2.93 -7.03
C VAL B 181 17.75 -3.25 -5.54
N PHE B 182 18.65 -2.60 -4.80
CA PHE B 182 18.91 -2.82 -3.35
C PHE B 182 18.03 -1.87 -2.55
N THR B 183 18.05 -2.02 -1.22
CA THR B 183 17.41 -1.11 -0.26
C THR B 183 18.42 -0.80 0.85
N GLY B 184 18.76 0.47 1.02
CA GLY B 184 19.67 0.92 2.08
C GLY B 184 18.99 0.84 3.43
N TYR B 185 19.76 0.77 4.50
CA TYR B 185 19.29 0.72 5.91
C TYR B 185 20.38 1.29 6.81
N ARG B 186 19.99 2.02 7.87
CA ARG B 186 20.90 2.56 8.92
C ARG B 186 20.62 1.84 10.25
N VAL B 187 21.68 1.41 10.94
CA VAL B 187 21.60 0.51 12.13
C VAL B 187 21.09 1.36 13.30
N THR B 188 19.77 1.41 13.54
CA THR B 188 19.14 2.26 14.58
C THR B 188 19.25 1.57 15.95
N LYS B 189 18.93 2.31 17.02
CA LYS B 189 19.04 1.87 18.44
C LYS B 189 18.69 0.38 18.56
N ASN B 190 17.52 -0.04 18.05
CA ASN B 190 16.96 -1.40 18.27
C ASN B 190 16.40 -2.03 16.99
N SER B 191 16.46 -1.33 15.83
CA SER B 191 15.95 -1.83 14.52
C SER B 191 16.72 -1.18 13.36
N LYS B 192 16.17 -1.25 12.15
CA LYS B 192 16.79 -0.75 10.89
C LYS B 192 15.79 0.19 10.19
N VAL B 193 16.23 1.38 9.80
CA VAL B 193 15.36 2.39 9.11
C VAL B 193 15.76 2.49 7.63
N GLN B 194 14.77 2.41 6.73
CA GLN B 194 14.93 2.42 5.25
C GLN B 194 15.62 3.72 4.82
N ILE B 195 16.47 3.64 3.79
CA ILE B 195 17.31 4.76 3.30
C ILE B 195 17.25 4.80 1.75
N GLY B 196 16.15 4.31 1.17
CA GLY B 196 15.87 4.38 -0.27
C GLY B 196 16.46 3.21 -1.05
N GLU B 197 16.10 3.09 -2.34
CA GLU B 197 16.55 1.97 -3.23
C GLU B 197 17.83 2.38 -3.96
N TYR B 198 18.66 1.39 -4.32
CA TYR B 198 20.01 1.56 -4.92
C TYR B 198 20.26 0.47 -5.97
N THR B 199 20.98 0.82 -7.04
CA THR B 199 21.64 -0.14 -7.98
C THR B 199 23.15 0.09 -7.88
N PHE B 200 23.95 -0.90 -8.27
CA PHE B 200 25.44 -0.88 -8.18
C PHE B 200 26.05 -1.37 -9.50
N GLU B 201 27.24 -0.84 -9.81
CA GLU B 201 28.12 -1.24 -10.95
C GLU B 201 29.57 -1.28 -10.45
N LYS B 202 30.42 -2.15 -11.03
CA LYS B 202 31.85 -2.34 -10.62
C LYS B 202 32.63 -1.07 -10.98
N GLY B 203 33.64 -0.72 -10.17
CA GLY B 203 34.54 0.43 -10.38
C GLY B 203 35.92 -0.01 -10.81
N ALA B 208 34.51 -2.41 -3.98
CA ALA B 208 34.97 -1.33 -4.89
C ALA B 208 33.89 -1.04 -5.95
N VAL B 209 32.79 -0.40 -5.56
CA VAL B 209 31.53 -0.31 -6.36
C VAL B 209 31.11 1.15 -6.57
N VAL B 210 30.22 1.38 -7.54
CA VAL B 210 29.64 2.69 -7.96
C VAL B 210 28.11 2.63 -7.77
N TYR B 211 27.52 3.46 -6.91
CA TYR B 211 26.07 3.40 -6.57
C TYR B 211 25.28 4.51 -7.29
N ARG B 212 24.13 4.13 -7.86
CA ARG B 212 23.10 5.05 -8.40
C ARG B 212 21.87 4.99 -7.48
N GLY B 213 21.88 5.80 -6.41
CA GLY B 213 20.82 5.80 -5.37
C GLY B 213 19.58 6.54 -5.83
N THR B 214 18.39 5.97 -5.58
CA THR B 214 17.04 6.53 -5.90
C THR B 214 16.83 7.85 -5.14
N THR B 215 17.36 7.94 -3.92
CA THR B 215 17.34 9.16 -3.07
C THR B 215 18.79 9.62 -2.86
N THR B 216 18.98 10.83 -2.34
CA THR B 216 20.31 11.40 -1.98
C THR B 216 20.44 11.32 -0.45
N TYR B 217 21.40 10.50 0.02
CA TYR B 217 21.74 10.29 1.46
C TYR B 217 23.26 10.35 1.61
N LYS B 218 23.75 11.09 2.61
CA LYS B 218 25.18 11.12 2.98
C LYS B 218 25.51 9.79 3.69
N LEU B 219 25.40 8.66 2.98
CA LEU B 219 25.52 7.31 3.59
C LEU B 219 26.91 7.17 4.22
N ASN B 220 26.93 6.62 5.44
CA ASN B 220 28.14 6.41 6.26
C ASN B 220 28.34 4.90 6.41
N VAL B 221 29.53 4.50 6.87
CA VAL B 221 29.94 3.09 7.08
C VAL B 221 28.90 2.40 7.96
N GLY B 222 28.70 1.09 7.76
CA GLY B 222 27.80 0.26 8.58
C GLY B 222 26.39 0.16 7.99
N ASP B 223 26.01 1.08 7.11
CA ASP B 223 24.75 0.99 6.32
C ASP B 223 24.85 -0.24 5.42
N TYR B 224 23.73 -0.93 5.17
CA TYR B 224 23.72 -2.22 4.44
C TYR B 224 22.60 -2.22 3.40
N PHE B 225 22.73 -3.12 2.42
CA PHE B 225 21.90 -3.20 1.20
C PHE B 225 21.41 -4.63 0.98
N VAL B 226 20.10 -4.78 0.84
CA VAL B 226 19.43 -6.09 0.59
C VAL B 226 18.46 -5.89 -0.57
N LEU B 227 18.47 -6.83 -1.51
CA LEU B 227 17.51 -6.84 -2.64
C LEU B 227 16.10 -6.92 -2.05
N THR B 228 15.21 -6.00 -2.44
CA THR B 228 13.85 -5.91 -1.85
C THR B 228 13.02 -7.07 -2.39
N SER B 229 12.48 -7.87 -1.47
CA SER B 229 11.65 -9.08 -1.70
C SER B 229 10.22 -8.79 -1.24
N HIS B 230 9.23 -8.91 -2.13
CA HIS B 230 7.81 -8.56 -1.84
C HIS B 230 6.97 -9.83 -1.76
N THR B 231 5.91 -9.80 -0.94
CA THR B 231 4.89 -10.85 -0.80
C THR B 231 4.20 -11.06 -2.16
N VAL B 232 4.17 -12.30 -2.66
CA VAL B 232 3.45 -12.70 -3.90
C VAL B 232 2.02 -13.07 -3.48
N MET B 233 1.02 -12.38 -4.02
CA MET B 233 -0.42 -12.63 -3.71
C MET B 233 -0.91 -13.73 -4.63
N PRO B 234 -1.93 -14.51 -4.20
CA PRO B 234 -2.52 -15.55 -5.06
C PRO B 234 -3.32 -14.95 -6.22
N LEU B 235 -3.33 -15.66 -7.34
CA LEU B 235 -3.98 -15.23 -8.60
C LEU B 235 -5.35 -15.89 -8.68
N SER B 236 -6.37 -15.16 -9.16
CA SER B 236 -7.76 -15.65 -9.33
C SER B 236 -8.18 -15.49 -10.80
N ALA B 237 -8.01 -14.29 -11.38
CA ALA B 237 -8.45 -13.94 -12.75
C ALA B 237 -7.56 -14.60 -13.80
N PRO B 238 -8.11 -14.98 -14.98
CA PRO B 238 -7.26 -15.57 -16.03
C PRO B 238 -6.29 -14.55 -16.63
N THR B 239 -5.29 -15.03 -17.37
CA THR B 239 -4.28 -14.15 -18.04
C THR B 239 -4.95 -13.39 -19.18
N LEU B 240 -5.92 -14.02 -19.84
CA LEU B 240 -6.83 -13.46 -20.89
C LEU B 240 -8.28 -13.82 -20.56
N VAL B 241 -9.18 -12.83 -20.58
CA VAL B 241 -10.65 -13.07 -20.47
C VAL B 241 -11.06 -13.81 -21.75
N PRO B 242 -12.23 -14.49 -21.77
CA PRO B 242 -12.67 -15.17 -22.99
C PRO B 242 -12.90 -14.14 -24.11
N GLN B 243 -12.36 -14.39 -25.29
CA GLN B 243 -12.53 -13.51 -26.46
C GLN B 243 -14.02 -13.44 -26.80
N GLU B 244 -14.47 -12.26 -27.23
CA GLU B 244 -15.79 -12.02 -27.82
C GLU B 244 -15.58 -11.14 -29.06
N HIS B 245 -16.14 -11.53 -30.20
CA HIS B 245 -16.19 -10.70 -31.42
C HIS B 245 -17.60 -10.15 -31.55
N TYR B 246 -17.72 -8.92 -32.03
CA TYR B 246 -18.99 -8.18 -32.11
C TYR B 246 -19.19 -7.80 -33.57
N VAL B 247 -20.43 -7.46 -33.87
CA VAL B 247 -20.87 -7.17 -35.26
C VAL B 247 -20.93 -5.64 -35.44
N ARG B 248 -20.97 -4.92 -34.32
CA ARG B 248 -20.86 -3.44 -34.23
C ARG B 248 -19.89 -3.06 -33.10
N ILE B 249 -19.36 -1.83 -33.14
CA ILE B 249 -18.62 -1.22 -32.02
C ILE B 249 -19.57 -1.27 -30.82
N THR B 250 -19.11 -1.81 -29.69
CA THR B 250 -19.92 -2.12 -28.50
C THR B 250 -19.48 -1.21 -27.35
N GLY B 251 -20.41 -0.42 -26.81
CA GLY B 251 -20.21 0.33 -25.55
C GLY B 251 -19.28 1.53 -25.71
N LEU B 252 -18.88 1.83 -26.94
CA LEU B 252 -18.00 2.99 -27.26
C LEU B 252 -18.70 3.82 -28.33
N TYR B 253 -18.53 5.15 -28.26
CA TYR B 253 -19.19 6.13 -29.14
C TYR B 253 -18.10 6.92 -29.87
N PRO B 254 -17.87 6.58 -31.16
CA PRO B 254 -16.80 7.18 -31.95
C PRO B 254 -17.08 8.67 -32.19
N THR B 255 -16.01 9.44 -32.33
CA THR B 255 -16.04 10.89 -32.59
C THR B 255 -16.58 11.13 -33.99
N LEU B 256 -17.12 12.32 -34.25
CA LEU B 256 -17.56 12.72 -35.62
C LEU B 256 -16.37 13.32 -36.38
N ASN B 257 -15.57 14.16 -35.71
CA ASN B 257 -14.38 14.84 -36.30
C ASN B 257 -13.14 14.34 -35.58
N ILE B 258 -12.15 13.87 -36.32
CA ILE B 258 -10.83 13.45 -35.80
C ILE B 258 -9.75 14.24 -36.53
N SER B 259 -8.62 14.49 -35.88
CA SER B 259 -7.47 15.19 -36.52
C SER B 259 -6.76 14.19 -37.44
N ASP B 260 -6.15 14.69 -38.51
CA ASP B 260 -5.40 13.86 -39.50
C ASP B 260 -4.15 13.26 -38.84
N GLU B 261 -3.86 13.67 -37.61
CA GLU B 261 -2.76 13.10 -36.79
C GLU B 261 -3.10 11.65 -36.40
N PHE B 262 -4.40 11.32 -36.28
CA PHE B 262 -4.89 10.00 -35.79
C PHE B 262 -5.68 9.23 -36.86
N SER B 263 -5.86 9.80 -38.05
CA SER B 263 -6.70 9.22 -39.13
C SER B 263 -6.15 7.84 -39.56
N SER B 264 -4.84 7.60 -39.46
CA SER B 264 -4.20 6.32 -39.84
C SER B 264 -4.68 5.18 -38.93
N ASN B 265 -5.19 5.49 -37.73
CA ASN B 265 -5.58 4.44 -36.74
C ASN B 265 -7.11 4.30 -36.62
N VAL B 266 -7.90 4.93 -37.48
CA VAL B 266 -9.39 4.93 -37.31
C VAL B 266 -9.89 3.49 -37.55
N ALA B 267 -9.43 2.78 -38.57
CA ALA B 267 -9.83 1.38 -38.81
C ALA B 267 -9.47 0.56 -37.57
N ASN B 268 -8.22 0.69 -37.09
CA ASN B 268 -7.75 -0.06 -35.91
C ASN B 268 -8.60 0.28 -34.67
N TYR B 269 -9.01 1.54 -34.51
CA TYR B 269 -9.80 1.98 -33.33
C TYR B 269 -11.18 1.35 -33.39
N GLN B 270 -11.68 1.12 -34.61
CA GLN B 270 -12.99 0.47 -34.84
C GLN B 270 -12.83 -1.00 -34.46
N LYS B 271 -11.78 -1.66 -34.94
CA LYS B 271 -11.47 -3.07 -34.58
C LYS B 271 -11.46 -3.19 -33.05
N VAL B 272 -10.92 -2.20 -32.34
CA VAL B 272 -10.81 -2.28 -30.85
C VAL B 272 -12.22 -2.37 -30.25
N GLY B 273 -13.19 -1.68 -30.84
CA GLY B 273 -14.58 -1.61 -30.32
C GLY B 273 -15.40 -2.85 -30.70
N MET B 274 -14.90 -3.62 -31.65
CA MET B 274 -15.63 -4.77 -32.24
C MET B 274 -15.10 -6.13 -31.73
N GLN B 275 -14.26 -6.15 -30.70
CA GLN B 275 -13.91 -7.41 -29.98
C GLN B 275 -13.60 -7.09 -28.52
N LYS B 276 -13.60 -8.11 -27.66
CA LYS B 276 -13.44 -7.91 -26.20
C LYS B 276 -12.01 -7.45 -25.92
N TYR B 277 -11.05 -8.02 -26.64
CA TYR B 277 -9.63 -7.69 -26.49
C TYR B 277 -9.00 -7.79 -27.85
N SER B 278 -8.00 -6.93 -28.06
CA SER B 278 -7.28 -6.78 -29.33
C SER B 278 -5.80 -6.61 -29.02
N THR B 279 -4.96 -7.14 -29.88
CA THR B 279 -3.49 -7.08 -29.75
C THR B 279 -3.00 -6.11 -30.82
N LEU B 280 -2.08 -5.21 -30.45
CA LEU B 280 -1.41 -4.31 -31.42
C LEU B 280 0.10 -4.54 -31.33
N GLN B 281 0.70 -5.07 -32.40
CA GLN B 281 2.17 -5.15 -32.56
C GLN B 281 2.66 -3.82 -33.15
N GLY B 282 3.39 -3.06 -32.35
CA GLY B 282 4.03 -1.81 -32.79
C GLY B 282 5.56 -1.98 -32.79
N PRO B 283 6.17 -2.22 -33.95
CA PRO B 283 7.63 -2.20 -34.07
C PRO B 283 8.22 -0.90 -33.53
N PRO B 284 9.56 -0.78 -33.46
CA PRO B 284 10.19 0.43 -32.97
C PRO B 284 9.76 1.67 -33.76
N GLY B 285 9.28 2.71 -33.06
CA GLY B 285 9.01 4.06 -33.61
C GLY B 285 7.88 4.06 -34.63
N THR B 286 6.93 3.13 -34.50
CA THR B 286 5.78 3.03 -35.43
C THR B 286 4.58 3.79 -34.87
N GLY B 287 4.59 4.21 -33.59
CA GLY B 287 3.56 5.11 -33.02
C GLY B 287 2.65 4.44 -31.99
N LYS B 288 3.18 3.61 -31.09
CA LYS B 288 2.39 2.92 -30.06
C LYS B 288 1.69 3.90 -29.11
N SER B 289 2.39 4.88 -28.54
CA SER B 289 1.78 5.81 -27.55
C SER B 289 0.81 6.76 -28.29
N HIS B 290 1.12 7.08 -29.54
CA HIS B 290 0.25 7.92 -30.39
C HIS B 290 -1.08 7.17 -30.58
N PHE B 291 -1.00 5.90 -30.93
CA PHE B 291 -2.17 4.99 -31.03
C PHE B 291 -2.96 5.01 -29.73
N ALA B 292 -2.28 4.72 -28.62
CA ALA B 292 -2.88 4.58 -27.29
C ALA B 292 -3.66 5.86 -26.94
N ILE B 293 -3.08 7.05 -27.08
CA ILE B 293 -3.75 8.32 -26.69
C ILE B 293 -4.83 8.68 -27.71
N GLY B 294 -4.58 8.46 -28.99
CA GLY B 294 -5.54 8.75 -30.08
C GLY B 294 -6.84 7.97 -29.91
N LEU B 295 -6.79 6.83 -29.22
CA LEU B 295 -7.97 6.00 -28.92
C LEU B 295 -8.95 6.80 -28.03
N ALA B 296 -8.42 7.63 -27.12
CA ALA B 296 -9.24 8.48 -26.22
C ALA B 296 -9.93 9.56 -27.05
N LEU B 297 -9.23 10.11 -28.03
CA LEU B 297 -9.77 11.17 -28.93
C LEU B 297 -10.86 10.55 -29.81
N TYR B 298 -10.68 9.29 -30.20
CA TYR B 298 -11.64 8.60 -31.09
C TYR B 298 -12.89 8.20 -30.31
N TYR B 299 -12.76 7.80 -29.05
CA TYR B 299 -13.90 7.46 -28.15
C TYR B 299 -13.96 8.49 -27.02
N PRO B 300 -14.30 9.77 -27.33
CA PRO B 300 -14.07 10.88 -26.41
C PRO B 300 -14.76 10.73 -25.05
N SER B 301 -15.88 10.02 -24.99
CA SER B 301 -16.69 9.80 -23.76
C SER B 301 -16.14 8.63 -22.95
N ALA B 302 -15.35 7.75 -23.58
CA ALA B 302 -14.86 6.46 -23.00
C ALA B 302 -13.90 6.72 -21.85
N ARG B 303 -14.09 6.01 -20.73
CA ARG B 303 -13.19 6.00 -19.56
C ARG B 303 -12.08 4.99 -19.85
N ILE B 304 -10.83 5.44 -19.87
CA ILE B 304 -9.67 4.59 -20.26
C ILE B 304 -8.69 4.54 -19.10
N VAL B 305 -8.37 3.33 -18.67
CA VAL B 305 -7.25 3.06 -17.73
C VAL B 305 -6.06 2.65 -18.60
N TYR B 306 -4.99 3.41 -18.50
CA TYR B 306 -3.68 3.18 -19.15
C TYR B 306 -2.76 2.53 -18.12
N THR B 307 -2.26 1.34 -18.43
CA THR B 307 -1.42 0.57 -17.49
C THR B 307 -0.22 0.02 -18.25
N ALA B 308 0.84 -0.28 -17.50
CA ALA B 308 2.09 -0.93 -17.93
C ALA B 308 2.82 -1.45 -16.68
N CYS B 309 3.82 -2.29 -16.85
CA CYS B 309 4.55 -2.87 -15.70
C CYS B 309 5.37 -1.76 -15.03
N SER B 310 6.07 -0.97 -15.84
CA SER B 310 7.10 0.00 -15.35
C SER B 310 6.51 1.40 -15.22
N HIS B 311 6.98 2.14 -14.22
CA HIS B 311 6.70 3.60 -14.05
C HIS B 311 7.11 4.33 -15.33
N ALA B 312 8.26 4.04 -15.93
CA ALA B 312 8.72 4.70 -17.16
C ALA B 312 7.65 4.54 -18.25
N ALA B 313 7.17 3.30 -18.48
CA ALA B 313 6.16 3.02 -19.54
C ALA B 313 4.88 3.80 -19.24
N VAL B 314 4.43 3.80 -18.00
CA VAL B 314 3.21 4.59 -17.63
C VAL B 314 3.47 6.08 -17.88
N ASP B 315 4.61 6.59 -17.41
CA ASP B 315 4.96 8.04 -17.47
C ASP B 315 5.02 8.49 -18.92
N ALA B 316 5.56 7.66 -19.82
CA ALA B 316 5.62 7.95 -21.27
C ALA B 316 4.20 8.07 -21.85
N LEU B 317 3.25 7.26 -21.36
CA LEU B 317 1.83 7.43 -21.75
C LEU B 317 1.30 8.76 -21.18
N CYS B 318 1.64 9.13 -19.95
CA CYS B 318 1.26 10.44 -19.35
C CYS B 318 1.85 11.60 -20.17
N GLU B 319 3.08 11.50 -20.66
CA GLU B 319 3.70 12.58 -21.47
C GLU B 319 2.85 12.79 -22.72
N LYS B 320 2.56 11.72 -23.46
CA LYS B 320 1.72 11.77 -24.69
C LYS B 320 0.33 12.31 -24.31
N ALA B 321 -0.24 11.86 -23.19
CA ALA B 321 -1.61 12.30 -22.79
C ALA B 321 -1.60 13.82 -22.55
N LEU B 322 -0.53 14.32 -21.92
CA LEU B 322 -0.41 15.74 -21.51
C LEU B 322 -0.53 16.65 -22.74
N LYS B 323 -0.07 16.16 -23.90
CA LYS B 323 -0.01 16.86 -25.21
C LYS B 323 -1.36 16.81 -25.98
N TYR B 324 -2.29 15.90 -25.67
CA TYR B 324 -3.49 15.69 -26.50
C TYR B 324 -4.79 15.65 -25.68
N LEU B 325 -4.73 15.36 -24.39
CA LEU B 325 -5.95 15.11 -23.56
C LEU B 325 -6.05 16.18 -22.48
N PRO B 326 -7.27 16.58 -22.08
CA PRO B 326 -7.45 17.58 -21.03
C PRO B 326 -6.83 17.10 -19.71
N ILE B 327 -5.88 17.86 -19.17
CA ILE B 327 -5.10 17.53 -17.94
C ILE B 327 -6.05 17.28 -16.75
N ASP B 328 -7.17 18.00 -16.65
CA ASP B 328 -8.10 17.89 -15.50
C ASP B 328 -8.92 16.59 -15.59
N LYS B 329 -8.80 15.84 -16.69
CA LYS B 329 -9.49 14.54 -16.92
C LYS B 329 -8.50 13.38 -16.78
N CYS B 330 -7.27 13.66 -16.34
CA CYS B 330 -6.20 12.67 -16.14
C CYS B 330 -5.87 12.54 -14.66
N SER B 331 -5.54 11.34 -14.20
CA SER B 331 -4.99 11.07 -12.85
C SER B 331 -3.86 10.04 -12.95
N ARG B 332 -2.70 10.33 -12.38
CA ARG B 332 -1.59 9.37 -12.18
C ARG B 332 -1.81 8.71 -10.83
N ILE B 333 -2.01 7.38 -10.80
CA ILE B 333 -2.11 6.58 -9.54
C ILE B 333 -0.69 6.23 -9.10
N ILE B 334 -0.34 6.64 -7.87
CA ILE B 334 0.99 6.42 -7.25
C ILE B 334 0.75 5.66 -5.96
N PRO B 335 1.41 4.50 -5.77
CA PRO B 335 1.31 3.75 -4.52
C PRO B 335 1.99 4.54 -3.39
N ALA B 336 1.38 4.56 -2.20
CA ALA B 336 1.90 5.25 -0.99
C ALA B 336 3.26 4.68 -0.61
N VAL B 340 9.26 5.95 -5.25
CA VAL B 340 9.80 6.11 -6.65
C VAL B 340 9.33 7.46 -7.21
N GLU B 341 10.18 8.12 -8.01
CA GLU B 341 9.87 9.45 -8.61
C GLU B 341 9.33 9.25 -10.03
N CYS B 342 8.09 9.67 -10.27
CA CYS B 342 7.37 9.48 -11.55
C CYS B 342 6.55 10.74 -11.86
N PHE B 343 5.86 10.71 -13.00
CA PHE B 343 5.04 11.80 -13.61
C PHE B 343 4.19 12.55 -12.56
N ASP B 344 4.39 13.86 -12.40
CA ASP B 344 3.71 14.65 -11.32
C ASP B 344 2.89 15.82 -11.90
N LYS B 345 2.41 15.73 -13.14
CA LYS B 345 1.63 16.84 -13.76
C LYS B 345 0.12 16.61 -13.62
N PHE B 346 -0.33 15.41 -13.22
CA PHE B 346 -1.76 15.04 -13.12
C PHE B 346 -2.15 15.00 -11.64
N LYS B 347 -3.43 15.24 -11.30
CA LYS B 347 -3.91 15.03 -9.92
C LYS B 347 -3.59 13.58 -9.55
N VAL B 348 -3.10 13.36 -8.33
CA VAL B 348 -2.57 12.02 -7.92
C VAL B 348 -3.67 11.24 -7.20
N ASN B 349 -3.83 9.97 -7.57
CA ASN B 349 -4.68 8.96 -6.86
C ASN B 349 -6.15 9.39 -6.91
N SER B 350 -6.61 9.93 -8.05
CA SER B 350 -8.04 10.17 -8.35
C SER B 350 -8.55 9.05 -9.27
N THR B 351 -8.86 7.91 -8.66
CA THR B 351 -9.29 6.64 -9.31
C THR B 351 -10.52 6.89 -10.19
N LEU B 352 -11.32 7.91 -9.91
CA LEU B 352 -12.59 8.19 -10.65
C LEU B 352 -12.38 9.16 -11.82
N GLU B 353 -11.14 9.53 -12.14
CA GLU B 353 -10.83 10.42 -13.30
C GLU B 353 -11.12 9.63 -14.59
N GLN B 354 -11.50 10.31 -15.68
CA GLN B 354 -11.85 9.67 -16.97
C GLN B 354 -10.64 8.90 -17.51
N TYR B 355 -9.44 9.43 -17.31
CA TYR B 355 -8.16 8.85 -17.78
C TYR B 355 -7.26 8.55 -16.60
N VAL B 356 -7.01 7.27 -16.34
CA VAL B 356 -6.21 6.79 -15.18
C VAL B 356 -4.94 6.14 -15.72
N PHE B 357 -3.79 6.64 -15.28
CA PHE B 357 -2.43 6.16 -15.66
C PHE B 357 -1.84 5.57 -14.40
N CYS B 358 -1.46 4.30 -14.42
CA CYS B 358 -1.17 3.52 -13.21
C CYS B 358 -0.42 2.25 -13.60
N THR B 359 0.65 1.92 -12.88
CA THR B 359 1.41 0.66 -13.11
C THR B 359 0.53 -0.53 -12.67
N VAL B 360 0.77 -1.70 -13.22
CA VAL B 360 -0.01 -2.93 -12.90
C VAL B 360 -0.08 -3.15 -11.40
N ASN B 361 1.04 -3.07 -10.67
CA ASN B 361 1.12 -3.51 -9.24
C ASN B 361 0.40 -2.51 -8.32
N ALA B 362 0.04 -1.32 -8.81
CA ALA B 362 -0.68 -0.27 -8.05
C ALA B 362 -2.16 -0.17 -8.46
N LEU B 363 -2.62 -1.00 -9.40
CA LEU B 363 -3.98 -0.81 -10.00
C LEU B 363 -5.01 -0.87 -8.89
N PRO B 364 -5.97 0.06 -8.86
CA PRO B 364 -7.12 -0.07 -7.99
C PRO B 364 -8.18 -1.01 -8.58
N GLU B 365 -9.07 -1.51 -7.73
CA GLU B 365 -10.28 -2.22 -8.19
C GLU B 365 -11.21 -1.17 -8.77
N THR B 366 -11.47 -1.24 -10.08
CA THR B 366 -12.35 -0.31 -10.82
C THR B 366 -12.79 -0.98 -12.12
N THR B 367 -13.65 -0.29 -12.87
CA THR B 367 -14.10 -0.66 -14.23
C THR B 367 -13.63 0.42 -15.19
N ALA B 368 -13.71 0.17 -16.49
CA ALA B 368 -13.32 1.11 -17.56
C ALA B 368 -14.03 0.71 -18.86
N ASP B 369 -14.23 1.66 -19.76
CA ASP B 369 -14.71 1.38 -21.13
C ASP B 369 -13.56 0.68 -21.87
N ILE B 370 -12.33 1.21 -21.79
CA ILE B 370 -11.14 0.57 -22.42
C ILE B 370 -10.01 0.49 -21.40
N VAL B 371 -9.37 -0.67 -21.31
CA VAL B 371 -8.07 -0.84 -20.60
C VAL B 371 -6.99 -0.95 -21.68
N VAL B 372 -5.99 -0.06 -21.63
CA VAL B 372 -4.81 -0.10 -22.54
C VAL B 372 -3.64 -0.57 -21.69
N PHE B 373 -3.07 -1.72 -22.05
CA PHE B 373 -1.90 -2.33 -21.39
C PHE B 373 -0.75 -2.21 -22.39
N ASP B 374 0.22 -1.33 -22.09
CA ASP B 374 1.36 -1.03 -22.99
C ASP B 374 2.59 -1.84 -22.57
N GLU B 375 3.55 -1.90 -23.50
CA GLU B 375 4.85 -2.62 -23.38
C GLU B 375 4.55 -4.05 -22.92
N ILE B 376 3.76 -4.77 -23.72
CA ILE B 376 3.19 -6.11 -23.37
C ILE B 376 4.27 -7.19 -23.40
N SER B 377 5.33 -7.06 -24.20
CA SER B 377 6.47 -8.02 -24.18
C SER B 377 7.09 -8.10 -22.78
N MET B 378 7.01 -7.04 -21.98
CA MET B 378 7.63 -6.96 -20.63
C MET B 378 6.71 -7.57 -19.56
N ALA B 379 5.45 -7.86 -19.90
CA ALA B 379 4.49 -8.42 -18.94
C ALA B 379 4.79 -9.90 -18.75
N THR B 380 4.57 -10.37 -17.53
CA THR B 380 4.49 -11.81 -17.18
C THR B 380 3.02 -12.18 -17.05
N ASN B 381 2.72 -13.47 -17.04
CA ASN B 381 1.33 -13.98 -16.88
C ASN B 381 0.81 -13.53 -15.52
N TYR B 382 1.69 -13.34 -14.54
CA TYR B 382 1.32 -12.77 -13.23
C TYR B 382 0.68 -11.40 -13.44
N ASP B 383 1.36 -10.52 -14.18
CA ASP B 383 0.86 -9.17 -14.54
C ASP B 383 -0.49 -9.27 -15.27
N LEU B 384 -0.56 -10.10 -16.31
CA LEU B 384 -1.80 -10.27 -17.12
C LEU B 384 -2.97 -10.61 -16.18
N SER B 385 -2.76 -11.51 -15.23
CA SER B 385 -3.83 -12.00 -14.33
C SER B 385 -4.26 -10.87 -13.39
N VAL B 386 -3.29 -10.11 -12.87
CA VAL B 386 -3.57 -9.02 -11.89
C VAL B 386 -4.46 -7.99 -12.58
N VAL B 387 -4.15 -7.64 -13.82
CA VAL B 387 -4.92 -6.61 -14.58
C VAL B 387 -6.37 -7.08 -14.70
N ASN B 388 -6.57 -8.36 -15.06
CA ASN B 388 -7.93 -8.93 -15.27
C ASN B 388 -8.66 -8.96 -13.91
N ALA B 389 -7.95 -9.11 -12.79
CA ALA B 389 -8.53 -9.19 -11.43
C ALA B 389 -8.91 -7.79 -10.93
N ARG B 390 -8.08 -6.78 -11.20
CA ARG B 390 -8.30 -5.39 -10.71
C ARG B 390 -9.27 -4.62 -11.64
N LEU B 391 -9.22 -4.83 -12.96
CA LEU B 391 -9.97 -4.01 -13.97
C LEU B 391 -11.01 -4.85 -14.70
N ARG B 392 -12.30 -4.52 -14.55
CA ARG B 392 -13.39 -5.10 -15.38
C ARG B 392 -13.74 -4.07 -16.46
N ALA B 393 -13.43 -4.38 -17.73
CA ALA B 393 -13.50 -3.43 -18.85
C ALA B 393 -14.32 -3.99 -20.03
N LYS B 394 -15.00 -3.11 -20.75
CA LYS B 394 -15.72 -3.49 -21.99
C LYS B 394 -14.67 -3.97 -23.00
N HIS B 395 -13.52 -3.29 -23.09
CA HIS B 395 -12.47 -3.58 -24.09
C HIS B 395 -11.10 -3.54 -23.44
N TYR B 396 -10.22 -4.46 -23.84
CA TYR B 396 -8.82 -4.56 -23.37
C TYR B 396 -7.96 -4.46 -24.62
N VAL B 397 -7.02 -3.53 -24.65
CA VAL B 397 -6.06 -3.41 -25.77
C VAL B 397 -4.65 -3.69 -25.23
N TYR B 398 -3.94 -4.63 -25.83
CA TYR B 398 -2.58 -5.05 -25.46
C TYR B 398 -1.65 -4.53 -26.53
N ILE B 399 -0.82 -3.56 -26.16
CA ILE B 399 0.12 -2.89 -27.10
C ILE B 399 1.55 -3.27 -26.72
N GLY B 400 2.32 -3.66 -27.71
CA GLY B 400 3.74 -4.00 -27.53
C GLY B 400 4.31 -4.59 -28.79
N ASP B 401 5.37 -5.38 -28.63
CA ASP B 401 6.11 -5.96 -29.77
C ASP B 401 6.76 -7.24 -29.27
N PRO B 402 6.27 -8.43 -29.65
CA PRO B 402 6.90 -9.68 -29.20
C PRO B 402 8.30 -9.85 -29.80
N ALA B 403 8.73 -8.94 -30.68
CA ALA B 403 10.09 -8.89 -31.27
C ALA B 403 11.01 -8.02 -30.42
N GLN B 404 10.50 -7.41 -29.35
CA GLN B 404 11.36 -6.66 -28.40
C GLN B 404 11.57 -7.50 -27.14
N LEU B 405 12.11 -6.88 -26.10
CA LEU B 405 12.67 -7.61 -24.96
C LEU B 405 11.55 -7.93 -23.97
N PRO B 406 11.61 -9.15 -23.39
CA PRO B 406 10.70 -9.55 -22.33
C PRO B 406 11.23 -9.14 -20.95
N ALA B 407 10.43 -9.33 -19.91
CA ALA B 407 10.86 -9.17 -18.50
C ALA B 407 12.05 -10.08 -18.26
N PRO B 408 13.04 -9.64 -17.46
CA PRO B 408 14.15 -10.52 -17.10
C PRO B 408 13.58 -11.71 -16.29
N ARG B 409 14.03 -12.90 -16.63
CA ARG B 409 13.73 -14.12 -15.87
C ARG B 409 15.00 -14.44 -15.09
N THR B 410 15.09 -13.87 -13.88
CA THR B 410 16.31 -13.87 -13.02
C THR B 410 16.76 -15.31 -12.76
N LEU B 411 15.85 -16.29 -12.77
CA LEU B 411 16.16 -17.73 -12.49
C LEU B 411 16.56 -18.50 -13.75
N LEU B 412 16.18 -18.03 -14.96
CA LEU B 412 16.33 -18.82 -16.21
C LEU B 412 17.78 -18.70 -16.66
N THR B 413 18.50 -19.81 -16.71
CA THR B 413 19.94 -19.85 -17.08
C THR B 413 20.18 -20.83 -18.23
N LYS B 414 19.26 -21.76 -18.51
CA LYS B 414 19.48 -22.85 -19.49
C LYS B 414 18.41 -22.78 -20.59
N GLY B 415 18.85 -22.51 -21.81
CA GLY B 415 17.98 -22.41 -23.00
C GLY B 415 17.63 -20.96 -23.27
N THR B 416 16.92 -20.72 -24.37
CA THR B 416 16.40 -19.39 -24.76
C THR B 416 14.88 -19.42 -24.65
N LEU B 417 14.29 -18.37 -24.09
CA LEU B 417 12.83 -18.14 -24.04
C LEU B 417 12.38 -17.49 -25.35
N GLU B 418 11.65 -18.21 -26.20
CA GLU B 418 11.13 -17.65 -27.48
C GLU B 418 9.97 -16.69 -27.20
N PRO B 419 9.73 -15.68 -28.07
CA PRO B 419 8.67 -14.71 -27.84
C PRO B 419 7.27 -15.29 -27.61
N GLU B 420 6.94 -16.40 -28.26
CA GLU B 420 5.60 -17.04 -28.08
C GLU B 420 5.42 -17.51 -26.63
N TYR B 421 6.46 -17.47 -25.78
CA TYR B 421 6.39 -17.97 -24.39
C TYR B 421 6.58 -16.84 -23.37
N PHE B 422 6.67 -15.58 -23.80
CA PHE B 422 6.88 -14.42 -22.91
C PHE B 422 5.65 -14.28 -22.01
N ASN B 423 4.46 -14.32 -22.61
CA ASN B 423 3.17 -14.32 -21.86
C ASN B 423 2.07 -14.77 -22.83
N SER B 424 0.83 -14.90 -22.33
CA SER B 424 -0.36 -15.34 -23.09
C SER B 424 -0.58 -14.40 -24.29
N VAL B 425 -0.37 -13.10 -24.10
CA VAL B 425 -0.60 -12.11 -25.19
C VAL B 425 0.43 -12.36 -26.28
N CYS B 426 1.71 -12.48 -25.95
CA CYS B 426 2.75 -12.65 -26.99
C CYS B 426 2.53 -14.01 -27.66
N ARG B 427 2.05 -14.99 -26.90
CA ARG B 427 1.71 -16.32 -27.45
C ARG B 427 0.71 -16.12 -28.60
N LEU B 428 -0.42 -15.47 -28.35
CA LEU B 428 -1.40 -15.18 -29.41
C LEU B 428 -0.73 -14.46 -30.58
N MET B 429 0.04 -13.39 -30.32
CA MET B 429 0.61 -12.57 -31.42
C MET B 429 1.53 -13.42 -32.28
N LYS B 430 2.18 -14.44 -31.73
CA LYS B 430 3.15 -15.29 -32.47
C LYS B 430 2.47 -16.50 -33.13
N THR B 431 1.30 -16.93 -32.65
CA THR B 431 0.55 -18.11 -33.18
C THR B 431 -0.55 -17.66 -34.16
N ILE B 432 -1.56 -16.92 -33.71
CA ILE B 432 -2.68 -16.46 -34.60
C ILE B 432 -2.39 -15.06 -35.17
N GLY B 433 -1.21 -14.49 -34.87
CA GLY B 433 -0.80 -13.15 -35.31
C GLY B 433 -1.48 -12.05 -34.51
N PRO B 434 -1.03 -10.78 -34.60
CA PRO B 434 -1.68 -9.69 -33.90
C PRO B 434 -2.92 -9.17 -34.63
N ASP B 435 -3.91 -8.72 -33.88
CA ASP B 435 -5.13 -8.09 -34.45
C ASP B 435 -4.75 -6.85 -35.25
N MET B 436 -3.75 -6.09 -34.79
CA MET B 436 -3.38 -4.82 -35.46
C MET B 436 -1.85 -4.69 -35.50
N PHE B 437 -1.35 -4.06 -36.56
CA PHE B 437 0.10 -3.93 -36.83
C PHE B 437 0.40 -2.52 -37.35
N LEU B 438 1.28 -1.80 -36.64
CA LEU B 438 1.79 -0.47 -37.09
C LEU B 438 2.99 -0.70 -38.01
N GLY B 439 2.79 -0.57 -39.32
CA GLY B 439 3.70 -1.10 -40.34
C GLY B 439 4.69 -0.06 -40.84
N THR B 440 4.66 1.17 -40.32
CA THR B 440 5.62 2.21 -40.78
C THR B 440 6.48 2.74 -39.62
N CYS B 441 7.78 2.46 -39.70
CA CYS B 441 8.82 2.94 -38.77
C CYS B 441 9.17 4.37 -39.17
N ARG B 442 8.93 5.36 -38.30
CA ARG B 442 9.20 6.79 -38.58
C ARG B 442 10.59 7.17 -38.06
N ARG B 443 11.18 6.34 -37.20
CA ARG B 443 12.42 6.67 -36.47
C ARG B 443 13.66 6.42 -37.35
N CYS B 444 13.80 5.22 -37.89
CA CYS B 444 15.11 4.66 -38.28
C CYS B 444 15.43 4.92 -39.74
N PRO B 445 16.74 5.11 -40.07
CA PRO B 445 17.21 5.07 -41.45
C PRO B 445 16.70 3.79 -42.11
N ALA B 446 16.41 3.80 -43.41
CA ALA B 446 15.84 2.64 -44.11
C ALA B 446 16.75 1.41 -43.95
N GLU B 447 18.08 1.58 -43.83
CA GLU B 447 19.01 0.43 -43.75
C GLU B 447 18.66 -0.43 -42.52
N ILE B 448 18.34 0.21 -41.39
CA ILE B 448 18.00 -0.45 -40.10
C ILE B 448 16.60 -1.06 -40.25
N VAL B 449 15.65 -0.30 -40.84
CA VAL B 449 14.25 -0.77 -41.03
C VAL B 449 14.28 -2.02 -41.92
N ASP B 450 15.00 -1.99 -43.04
CA ASP B 450 15.05 -3.16 -43.97
C ASP B 450 15.62 -4.35 -43.18
N THR B 451 16.61 -4.11 -42.32
CA THR B 451 17.33 -5.19 -41.61
C THR B 451 16.36 -5.87 -40.66
N VAL B 452 15.62 -5.11 -39.85
CA VAL B 452 14.81 -5.73 -38.76
C VAL B 452 13.49 -6.22 -39.38
N SER B 453 13.00 -5.56 -40.41
CA SER B 453 11.85 -6.06 -41.19
C SER B 453 12.06 -7.53 -41.58
N ALA B 454 13.17 -7.83 -42.26
CA ALA B 454 13.56 -9.20 -42.66
C ALA B 454 13.85 -10.05 -41.43
N LEU B 455 14.47 -9.45 -40.40
CA LEU B 455 14.98 -10.23 -39.24
C LEU B 455 13.83 -10.74 -38.36
N VAL B 456 12.83 -9.92 -38.07
CA VAL B 456 11.82 -10.30 -37.04
C VAL B 456 10.38 -9.94 -37.44
N TYR B 457 10.14 -9.22 -38.54
CA TYR B 457 8.78 -8.75 -38.90
C TYR B 457 8.32 -9.31 -40.25
N ASP B 458 8.83 -10.47 -40.69
CA ASP B 458 8.40 -11.11 -41.98
C ASP B 458 8.26 -10.08 -43.11
N ASN B 459 9.14 -9.08 -43.17
CA ASN B 459 9.23 -8.11 -44.29
C ASN B 459 7.98 -7.22 -44.36
N LYS B 460 7.26 -7.07 -43.25
CA LYS B 460 6.04 -6.21 -43.17
C LYS B 460 6.38 -4.84 -42.59
N LEU B 461 7.59 -4.59 -42.09
CA LEU B 461 7.90 -3.24 -41.55
C LEU B 461 8.48 -2.41 -42.69
N LYS B 462 7.92 -1.22 -42.90
CA LYS B 462 8.28 -0.31 -44.03
C LYS B 462 8.97 0.93 -43.46
N ALA B 463 9.95 1.47 -44.16
CA ALA B 463 10.72 2.66 -43.73
C ALA B 463 9.97 3.92 -44.16
N HIS B 464 9.73 4.86 -43.24
CA HIS B 464 9.33 6.24 -43.56
C HIS B 464 10.54 7.02 -44.09
N LYS B 465 11.68 6.98 -43.41
CA LYS B 465 12.90 7.71 -43.82
C LYS B 465 13.55 7.01 -45.01
N ASP B 466 14.36 7.75 -45.76
CA ASP B 466 15.27 7.18 -46.78
C ASP B 466 16.46 6.54 -46.06
N LYS B 467 17.31 5.84 -46.81
CA LYS B 467 18.64 5.42 -46.35
C LYS B 467 19.38 6.67 -45.86
N SER B 468 20.08 6.57 -44.72
CA SER B 468 20.91 7.65 -44.15
C SER B 468 22.31 7.60 -44.76
N ALA B 469 22.74 6.44 -45.25
CA ALA B 469 24.12 6.17 -45.68
C ALA B 469 25.07 6.39 -44.50
N GLN B 470 24.56 6.30 -43.27
CA GLN B 470 25.36 6.48 -42.03
C GLN B 470 25.19 5.22 -41.16
N CYS B 471 24.94 4.09 -41.80
CA CYS B 471 24.76 2.78 -41.13
C CYS B 471 25.93 1.89 -41.53
N PHE B 472 26.79 1.53 -40.58
CA PHE B 472 28.05 0.80 -40.83
C PHE B 472 28.15 -0.43 -39.92
N LYS B 473 28.84 -1.45 -40.43
CA LYS B 473 29.13 -2.69 -39.70
C LYS B 473 30.62 -3.02 -39.88
N MET B 474 31.24 -3.50 -38.82
N MET B 474 31.23 -3.52 -38.82
CA MET B 474 32.59 -4.12 -38.89
CA MET B 474 32.62 -4.05 -38.80
C MET B 474 32.48 -5.49 -38.26
C MET B 474 32.57 -5.46 -38.19
N PHE B 475 33.23 -6.44 -38.80
CA PHE B 475 33.37 -7.80 -38.25
C PHE B 475 34.72 -7.83 -37.52
N TYR B 476 34.69 -7.97 -36.20
CA TYR B 476 35.88 -7.86 -35.33
C TYR B 476 35.60 -8.56 -33.99
N LYS B 477 36.18 -9.74 -33.80
CA LYS B 477 35.91 -10.59 -32.60
C LYS B 477 36.66 -10.06 -31.39
N GLY B 478 37.82 -9.45 -31.61
CA GLY B 478 38.58 -8.78 -30.54
C GLY B 478 39.08 -9.78 -29.52
N VAL B 479 38.96 -9.45 -28.25
CA VAL B 479 39.42 -10.27 -27.11
C VAL B 479 38.34 -10.14 -26.05
N ILE B 480 37.77 -11.26 -25.61
CA ILE B 480 36.72 -11.26 -24.57
C ILE B 480 37.38 -11.58 -23.24
N THR B 481 37.13 -10.72 -22.27
CA THR B 481 37.50 -10.94 -20.88
C THR B 481 36.18 -11.01 -20.12
N HIS B 482 36.19 -11.77 -19.02
CA HIS B 482 35.01 -12.01 -18.18
C HIS B 482 35.36 -11.48 -16.80
N ASP B 483 34.44 -10.77 -16.17
CA ASP B 483 34.52 -10.52 -14.71
C ASP B 483 33.45 -11.41 -14.07
N VAL B 484 32.90 -11.00 -12.93
CA VAL B 484 32.07 -11.87 -12.05
C VAL B 484 30.78 -12.29 -12.78
N SER B 485 30.12 -11.41 -13.53
CA SER B 485 28.78 -11.67 -14.14
C SER B 485 28.57 -10.87 -15.44
N SER B 486 29.62 -10.60 -16.20
CA SER B 486 29.58 -9.70 -17.38
C SER B 486 30.78 -9.97 -18.28
N ALA B 487 30.77 -9.44 -19.51
CA ALA B 487 31.85 -9.59 -20.51
C ALA B 487 32.38 -8.20 -20.91
N ILE B 488 33.62 -8.19 -21.36
CA ILE B 488 34.33 -6.97 -21.82
C ILE B 488 35.07 -7.35 -23.10
N ASN B 489 35.09 -6.43 -24.08
CA ASN B 489 35.87 -6.59 -25.32
C ASN B 489 36.59 -5.26 -25.61
N ARG B 490 37.73 -5.07 -24.95
CA ARG B 490 38.54 -3.82 -25.02
C ARG B 490 38.93 -3.57 -26.47
N PRO B 491 39.41 -4.58 -27.23
CA PRO B 491 39.70 -4.33 -28.64
C PRO B 491 38.52 -3.77 -29.45
N GLN B 492 37.27 -4.17 -29.19
CA GLN B 492 36.08 -3.60 -29.92
C GLN B 492 35.88 -2.14 -29.50
N ILE B 493 36.16 -1.80 -28.23
CA ILE B 493 36.13 -0.40 -27.77
C ILE B 493 37.27 0.37 -28.45
N GLY B 494 38.44 -0.24 -28.57
CA GLY B 494 39.58 0.36 -29.27
C GLY B 494 39.20 0.69 -30.71
N VAL B 495 38.52 -0.23 -31.39
CA VAL B 495 38.11 -0.03 -32.82
C VAL B 495 37.20 1.20 -32.87
N VAL B 496 36.31 1.36 -31.89
CA VAL B 496 35.38 2.51 -31.83
C VAL B 496 36.22 3.77 -31.64
N ARG B 497 37.24 3.69 -30.79
CA ARG B 497 38.12 4.84 -30.44
C ARG B 497 38.80 5.35 -31.72
N GLU B 498 39.35 4.44 -32.53
CA GLU B 498 39.97 4.81 -33.84
C GLU B 498 38.88 5.36 -34.77
N PHE B 499 37.68 4.78 -34.77
CA PHE B 499 36.56 5.26 -35.62
C PHE B 499 36.22 6.71 -35.25
N LEU B 500 36.12 7.04 -33.96
CA LEU B 500 35.69 8.37 -33.48
C LEU B 500 36.73 9.42 -33.88
N THR B 501 38.04 9.08 -33.86
CA THR B 501 39.13 10.03 -34.21
C THR B 501 39.00 10.40 -35.69
N ARG B 502 38.61 9.44 -36.54
CA ARG B 502 38.38 9.68 -37.99
C ARG B 502 36.97 10.24 -38.28
N ASN B 503 36.03 10.21 -37.32
CA ASN B 503 34.58 10.56 -37.52
C ASN B 503 34.07 11.30 -36.30
N PRO B 504 34.64 12.48 -36.00
CA PRO B 504 34.30 13.23 -34.79
C PRO B 504 32.84 13.67 -34.66
N ALA B 505 32.05 13.73 -35.73
CA ALA B 505 30.58 14.01 -35.66
C ALA B 505 29.91 12.99 -34.76
N TRP B 506 30.43 11.75 -34.75
CA TRP B 506 29.89 10.57 -34.01
C TRP B 506 30.17 10.66 -32.50
N ARG B 507 30.76 11.76 -32.03
CA ARG B 507 31.08 11.94 -30.59
C ARG B 507 29.78 12.31 -29.87
N LYS B 508 28.71 12.62 -30.61
CA LYS B 508 27.36 12.82 -30.03
C LYS B 508 26.62 11.47 -29.89
N ALA B 509 27.25 10.34 -30.24
CA ALA B 509 26.62 9.00 -30.28
C ALA B 509 26.37 8.49 -28.87
N VAL B 510 25.39 7.60 -28.74
CA VAL B 510 25.21 6.77 -27.53
C VAL B 510 25.92 5.45 -27.75
N PHE B 511 26.61 4.97 -26.72
CA PHE B 511 27.28 3.65 -26.74
C PHE B 511 26.33 2.60 -26.17
N ILE B 512 26.14 1.53 -26.93
CA ILE B 512 25.25 0.41 -26.51
C ILE B 512 26.01 -0.90 -26.65
N SER B 513 25.84 -1.77 -25.66
CA SER B 513 26.36 -3.16 -25.69
C SER B 513 25.43 -4.05 -24.88
N PRO B 514 25.51 -5.37 -25.05
CA PRO B 514 24.72 -6.28 -24.23
C PRO B 514 25.21 -6.44 -22.79
N TYR B 515 26.29 -5.77 -22.37
CA TYR B 515 26.91 -5.99 -21.04
C TYR B 515 27.27 -4.67 -20.35
N ASN B 516 26.88 -4.52 -19.08
CA ASN B 516 27.16 -3.28 -18.32
C ASN B 516 28.67 -3.15 -18.04
N SER B 517 29.44 -4.22 -17.94
CA SER B 517 30.91 -4.11 -17.74
C SER B 517 31.53 -3.52 -19.00
N GLN B 518 31.17 -4.01 -20.19
CA GLN B 518 31.64 -3.46 -21.49
C GLN B 518 31.33 -1.96 -21.51
N ASN B 519 30.12 -1.58 -21.10
CA ASN B 519 29.63 -0.19 -21.01
C ASN B 519 30.51 0.61 -20.03
N ALA B 520 30.84 0.07 -18.86
CA ALA B 520 31.65 0.79 -17.83
C ALA B 520 33.02 1.12 -18.42
N VAL B 521 33.61 0.16 -19.13
CA VAL B 521 34.95 0.33 -19.76
C VAL B 521 34.84 1.37 -20.89
N ALA B 522 33.84 1.26 -21.77
CA ALA B 522 33.58 2.20 -22.89
C ALA B 522 33.39 3.63 -22.37
N SER B 523 32.68 3.79 -21.25
CA SER B 523 32.39 5.12 -20.65
C SER B 523 33.71 5.86 -20.38
N LYS B 524 34.65 5.18 -19.73
CA LYS B 524 35.98 5.72 -19.34
C LYS B 524 36.78 6.00 -20.63
N ILE B 525 36.84 5.07 -21.57
CA ILE B 525 37.76 5.17 -22.74
C ILE B 525 37.20 6.14 -23.79
N LEU B 526 35.88 6.19 -23.98
CA LEU B 526 35.24 6.94 -25.08
C LEU B 526 34.57 8.20 -24.54
N GLY B 527 34.03 8.17 -23.33
CA GLY B 527 33.25 9.29 -22.79
C GLY B 527 31.86 9.44 -23.40
N LEU B 528 31.45 8.54 -24.28
CA LEU B 528 30.05 8.51 -24.78
C LEU B 528 29.11 8.12 -23.64
N PRO B 529 27.87 8.64 -23.61
CA PRO B 529 26.85 8.08 -22.71
C PRO B 529 26.64 6.60 -23.10
N THR B 530 26.36 5.74 -22.13
CA THR B 530 26.21 4.29 -22.37
C THR B 530 24.82 3.82 -21.89
N GLN B 531 24.32 2.78 -22.57
CA GLN B 531 23.07 2.04 -22.26
C GLN B 531 23.31 0.57 -22.53
N THR B 532 22.76 -0.32 -21.71
CA THR B 532 22.62 -1.73 -22.12
C THR B 532 21.50 -1.74 -23.16
N VAL B 533 21.49 -2.72 -24.06
CA VAL B 533 20.33 -2.90 -24.98
C VAL B 533 19.05 -2.86 -24.14
N ASP B 534 19.06 -3.61 -23.02
CA ASP B 534 17.88 -3.82 -22.15
C ASP B 534 17.42 -2.46 -21.58
N SER B 535 18.33 -1.56 -21.22
CA SER B 535 17.94 -0.23 -20.65
C SER B 535 17.62 0.78 -21.77
N SER B 536 18.01 0.50 -23.02
CA SER B 536 17.80 1.40 -24.19
C SER B 536 16.37 1.25 -24.77
N GLN B 537 15.68 0.15 -24.45
CA GLN B 537 14.32 -0.17 -24.97
C GLN B 537 13.39 1.00 -24.64
N GLY B 538 12.73 1.58 -25.65
CA GLY B 538 11.81 2.73 -25.50
C GLY B 538 12.47 4.08 -25.77
N SER B 539 13.80 4.15 -25.77
CA SER B 539 14.55 5.40 -26.03
C SER B 539 15.03 5.44 -27.48
N GLU B 540 15.31 6.64 -27.99
CA GLU B 540 15.93 6.79 -29.33
C GLU B 540 17.03 7.84 -29.26
N TYR B 541 18.01 7.71 -30.13
CA TYR B 541 19.19 8.59 -30.21
C TYR B 541 19.54 8.77 -31.70
N ASP B 542 20.08 9.92 -32.07
CA ASP B 542 20.51 10.23 -33.45
C ASP B 542 21.51 9.18 -33.91
N TYR B 543 22.54 8.95 -33.09
CA TYR B 543 23.68 8.07 -33.45
C TYR B 543 23.90 7.05 -32.35
N VAL B 544 24.11 5.81 -32.76
CA VAL B 544 24.34 4.67 -31.85
C VAL B 544 25.63 3.99 -32.28
N ILE B 545 26.49 3.71 -31.32
CA ILE B 545 27.66 2.81 -31.55
C ILE B 545 27.43 1.57 -30.70
N PHE B 546 27.36 0.41 -31.35
CA PHE B 546 27.04 -0.89 -30.73
C PHE B 546 28.27 -1.78 -30.89
N THR B 547 28.80 -2.26 -29.77
CA THR B 547 29.77 -3.37 -29.74
C THR B 547 29.04 -4.63 -29.23
N GLN B 548 28.93 -5.66 -30.08
CA GLN B 548 28.31 -6.93 -29.68
C GLN B 548 29.03 -7.52 -28.47
N THR B 549 30.35 -7.32 -28.33
CA THR B 549 31.20 -7.76 -27.17
C THR B 549 31.49 -9.27 -27.22
N THR B 550 30.45 -10.11 -27.32
CA THR B 550 30.57 -11.59 -27.35
C THR B 550 29.71 -12.15 -28.48
N GLU B 551 29.80 -13.46 -28.67
CA GLU B 551 29.06 -14.22 -29.69
C GLU B 551 28.17 -15.25 -28.98
N THR B 552 27.68 -14.91 -27.80
CA THR B 552 26.85 -15.80 -26.92
C THR B 552 25.39 -15.77 -27.38
N ALA B 553 24.54 -16.63 -26.80
CA ALA B 553 23.07 -16.61 -26.98
C ALA B 553 22.56 -15.23 -26.55
N HIS B 554 23.10 -14.70 -25.46
CA HIS B 554 22.66 -13.40 -24.89
C HIS B 554 22.91 -12.29 -25.91
N SER B 555 24.10 -12.22 -26.50
CA SER B 555 24.49 -11.10 -27.37
C SER B 555 23.96 -11.31 -28.80
N CYS B 556 23.50 -12.52 -29.15
CA CYS B 556 22.97 -12.88 -30.49
C CYS B 556 21.43 -12.94 -30.47
N ASN B 557 20.79 -12.76 -29.31
CA ASN B 557 19.32 -12.89 -29.21
C ASN B 557 18.70 -11.89 -30.20
N VAL B 558 17.86 -12.37 -31.14
CA VAL B 558 17.39 -11.51 -32.27
C VAL B 558 16.56 -10.36 -31.71
N ASN B 559 15.80 -10.58 -30.64
CA ASN B 559 14.98 -9.50 -30.01
C ASN B 559 15.90 -8.39 -29.49
N ARG B 560 16.97 -8.78 -28.81
CA ARG B 560 17.94 -7.83 -28.21
C ARG B 560 18.61 -7.08 -29.37
N PHE B 561 19.02 -7.79 -30.40
CA PHE B 561 19.68 -7.17 -31.57
C PHE B 561 18.71 -6.16 -32.18
N ASN B 562 17.45 -6.56 -32.32
CA ASN B 562 16.35 -5.75 -32.90
C ASN B 562 16.28 -4.42 -32.13
N VAL B 563 16.18 -4.50 -30.80
CA VAL B 563 16.10 -3.29 -29.92
C VAL B 563 17.39 -2.48 -30.06
N ALA B 564 18.55 -3.14 -30.17
CA ALA B 564 19.86 -2.45 -30.16
C ALA B 564 19.92 -1.47 -31.35
N ILE B 565 19.65 -1.96 -32.57
CA ILE B 565 19.92 -1.20 -33.82
C ILE B 565 18.75 -0.26 -34.15
N THR B 566 17.55 -0.48 -33.60
CA THR B 566 16.35 0.37 -33.83
C THR B 566 16.31 1.54 -32.84
N ARG B 567 17.38 1.77 -32.06
CA ARG B 567 17.47 2.98 -31.20
C ARG B 567 17.90 4.18 -32.05
N ALA B 568 18.41 3.96 -33.27
CA ALA B 568 19.09 5.00 -34.08
C ALA B 568 18.07 5.73 -34.97
N LYS B 569 18.09 7.07 -34.92
CA LYS B 569 17.34 7.98 -35.82
C LYS B 569 18.12 8.28 -37.11
N VAL B 570 19.45 8.33 -37.07
CA VAL B 570 20.27 8.83 -38.22
C VAL B 570 21.33 7.81 -38.62
N GLY B 571 22.22 7.46 -37.70
CA GLY B 571 23.35 6.58 -38.02
C GLY B 571 23.61 5.57 -36.93
N ILE B 572 24.26 4.47 -37.30
CA ILE B 572 24.67 3.40 -36.36
C ILE B 572 25.97 2.79 -36.87
N LEU B 573 26.85 2.45 -35.94
CA LEU B 573 28.07 1.64 -36.18
C LEU B 573 27.90 0.36 -35.36
N CYS B 574 27.89 -0.80 -35.99
CA CYS B 574 27.83 -2.09 -35.29
C CYS B 574 29.18 -2.79 -35.42
N ILE B 575 29.89 -2.93 -34.30
CA ILE B 575 31.09 -3.80 -34.22
C ILE B 575 30.59 -5.18 -33.82
N MET B 576 30.62 -6.14 -34.75
CA MET B 576 29.96 -7.46 -34.60
C MET B 576 31.00 -8.55 -34.30
N SER B 577 30.60 -9.49 -33.46
CA SER B 577 31.31 -10.75 -33.14
C SER B 577 30.73 -11.90 -33.96
N ASP B 578 29.43 -11.87 -34.22
CA ASP B 578 28.65 -12.99 -34.82
C ASP B 578 28.56 -12.76 -36.32
N ARG B 579 29.15 -13.66 -37.11
CA ARG B 579 29.10 -13.67 -38.59
C ARG B 579 27.65 -13.66 -39.07
N ASP B 580 26.75 -14.37 -38.38
CA ASP B 580 25.33 -14.54 -38.77
C ASP B 580 24.68 -13.15 -38.81
N LEU B 581 24.54 -12.49 -37.65
CA LEU B 581 23.90 -11.16 -37.53
C LEU B 581 24.69 -10.12 -38.34
N TYR B 582 26.02 -10.17 -38.41
CA TYR B 582 26.82 -9.27 -39.28
C TYR B 582 26.28 -9.37 -40.71
N ASP B 583 26.16 -10.59 -41.21
CA ASP B 583 25.77 -10.86 -42.62
C ASP B 583 24.33 -10.39 -42.84
N LYS B 584 23.50 -10.37 -41.80
CA LYS B 584 22.09 -9.89 -41.88
C LYS B 584 21.99 -8.36 -41.79
N LEU B 585 22.99 -7.66 -41.26
CA LEU B 585 22.99 -6.17 -41.25
C LEU B 585 23.12 -5.65 -42.69
N GLN B 586 22.12 -4.91 -43.17
CA GLN B 586 22.12 -4.27 -44.51
C GLN B 586 22.76 -2.89 -44.36
N PHE B 587 24.02 -2.90 -43.93
CA PHE B 587 24.83 -1.72 -43.60
C PHE B 587 26.05 -1.76 -44.48
N THR B 588 26.68 -0.62 -44.68
CA THR B 588 27.98 -0.49 -45.37
C THR B 588 29.05 -1.17 -44.51
N SER B 589 29.77 -2.14 -45.06
CA SER B 589 30.87 -2.80 -44.33
C SER B 589 32.10 -1.89 -44.33
N LEU B 590 32.80 -1.81 -43.20
CA LEU B 590 34.04 -1.02 -42.99
C LEU B 590 35.20 -2.01 -42.82
N GLU B 591 36.34 -1.75 -43.45
CA GLU B 591 37.58 -2.54 -43.22
C GLU B 591 38.07 -2.22 -41.81
N ILE B 592 38.81 -3.15 -41.20
CA ILE B 592 39.41 -3.07 -39.83
C ILE B 592 40.75 -2.36 -39.94
N PRO B 593 41.02 -1.27 -39.18
CA PRO B 593 42.33 -0.62 -39.19
C PRO B 593 43.46 -1.46 -38.56
#